data_8YW5
#
_entry.id   8YW5
#
_cell.length_a   1.00
_cell.length_b   1.00
_cell.length_c   1.00
_cell.angle_alpha   90.00
_cell.angle_beta   90.00
_cell.angle_gamma   90.00
#
_symmetry.space_group_name_H-M   'P 1'
#
loop_
_entity.id
_entity.type
_entity.pdbx_description
1 polymer Retatrutide
2 polymer 'Glucagon receptor'
3 polymer 'Guanine nucleotide-binding protein G(s) subunit alpha isoforms short'
4 polymer 'Guanine nucleotide-binding protein G(I)/G(S)/G(T) subunit beta-1'
5 polymer 'Guanine nucleotide-binding protein G(I)/G(S)/G(O) subunit gamma-2'
6 polymer Nanobody-35
#
loop_
_entity_poly.entity_id
_entity_poly.type
_entity_poly.pdbx_seq_one_letter_code
_entity_poly.pdbx_strand_id
1 'polypeptide(L)' Y(AIB)QGTFTSDYSI(2ML)LDKKAQ(AIB)AFIEYLLEGG P
2 'polypeptide(L)'
;QVMDFLFEKWKLYGDQCHHNLSLLPPPTELVCNRTFDKYSCWPDTPANTTANISCPWYLPWHHKVQHRFVFKRCGPDGQW
VRGPRGQPWRDASQCQMDGEEIEVQKEVAKMYSSFQVMYTVGYSLSLGALLLALAILGGLSKLHCTRNAIHANLFASFVL
KASSVLVIDGLLRTRYSQKIGDDLSVSTWLSDGAVAGCRVAAVFMQYGIVANYCWLLVEGLYLHNLLGLATLPERSFFSL
YLGIGWGAPMLFVVPWAVVKCLFENVQCWTSNDNMGFWWILRFPVFLAILINFFIFVRIVQLLVAKLRARQMHHTDYKFR
LAKSTLTLIPLLGVHEVVFAFVTDEHAQGTLRSAKLFFDLFLSSFQGLLVAVLYCFLNKEVQSELRRRWHRWRLGKVLWE
ERNTSN
;
R
3 'polypeptide(L)'
;MGCLGNSKTEDQRNEEKAQREANKKIEKQLQKDKQVYRATHRLLLLGAGESGKNTIVKQMRILHVNGFNGEGGEEDPQAA
RSNSDGEKATKVQDIKNNLKEAIETIVAAMSNLVPPVELANPENQFRVDYILSVMNVPDFDFPPEFYEHAKALWEDEGVR
ACYERSNEYQLIDCAQYFLDKIDVIKQADYVPSDQDLLRCRVLTSGIFETKFQVDKVNFHMFDVGAQRDERRKWIQCFND
VTAIIFVVASSSYNMVIREDNQTNRLQAALKLFDSIWNNKWLRDTSVILFLNKQDLLAEKVLAGKSKIEDYFPEFARYTT
PEDATPEPGEDPRVTRAKYFIRDEFLRISTASGDGRHYCYPHFTCAVDTENIRRVFNDCRDIIQRMHLRQYELL
;
A
4 'polypeptide(L)'
;MGSLLQSELDQLRQEAEQLKNQIRDARKACADATLSQITNNIDPVGRIQMRTRRTLRGHLAKIYAMHWGTDSRLLVSASQ
DGKLIIWDSYTTNKVHAIPLRSSWVMTCAYAPSGNYVACGGLDNICSIYNLKTREGNVRVSRELAGHTGYLSCCRFLDDN
QIVTSSGDTTCALWDIETGQQTTTFTGHTGDVMSLSLAPDTRLFVSGACDASAKLWDVREGMCRQTFTGHESDINAICFF
PNGNAFATGSDDATCRLFDLRADQELMTYSHDNIICGITSVSFSKSGRLLLAGYDDFNCNVWDALKADRAGVLAGHDNRV
SCLGVTDDGMAVATGSWDSFLKIWN
;
B
5 'polypeptide(L)' MASNNTASIAQARKLVEQLKMEANIDRIKVSKAAADLMAYCEAHAKEDPLLTPVPASENPFREKKFFCAIL G
6 'polypeptide(L)'
;MAQVQLQESGGGLVQPGGSLRLSCAASGFTFSNYKMNWVRQAPGKGLEWVSDISQSGASISYTGSVKGRFTISRDNAKNT
LYLQMNSLKPEDTAVYYCARCPAPFTRDCFDVTSTTYAYRGQGTQVTVSSHHHHHHEPEA
;
N
#
# COMPACT_ATOMS: atom_id res chain seq x y z
N TYR A 1 -10.91 31.18 22.36
CA TYR A 1 -11.84 30.96 21.26
C TYR A 1 -11.54 31.93 20.13
N AIB A 2 -10.82 31.45 19.12
CA AIB A 2 -10.31 32.31 18.00
C AIB A 2 -11.44 33.05 17.26
O AIB A 2 -11.44 34.29 17.30
CB1 AIB A 2 -9.60 31.37 17.01
CB2 AIB A 2 -9.36 33.34 18.59
N GLN A 3 -12.34 32.33 16.59
CA GLN A 3 -13.28 32.97 15.69
C GLN A 3 -14.61 33.33 16.35
N GLY A 4 -15.03 32.52 17.33
CA GLY A 4 -16.27 32.81 18.02
C GLY A 4 -16.22 34.10 18.79
N THR A 5 -15.09 34.36 19.47
CA THR A 5 -14.95 35.58 20.25
C THR A 5 -14.70 36.79 19.37
N PHE A 6 -13.89 36.64 18.32
CA PHE A 6 -13.58 37.78 17.46
C PHE A 6 -14.82 38.29 16.73
N THR A 7 -15.63 37.37 16.19
CA THR A 7 -16.83 37.78 15.48
C THR A 7 -17.81 38.49 16.39
N SER A 8 -17.90 38.05 17.65
CA SER A 8 -18.72 38.76 18.62
C SER A 8 -18.16 40.15 18.91
N ASP A 9 -16.84 40.26 19.06
CA ASP A 9 -16.23 41.55 19.35
C ASP A 9 -16.28 42.47 18.15
N TYR A 10 -16.11 41.92 16.95
CA TYR A 10 -16.21 42.73 15.74
C TYR A 10 -17.64 43.19 15.49
N SER A 11 -18.62 42.38 15.89
CA SER A 11 -20.02 42.74 15.69
C SER A 11 -20.49 43.79 16.68
N ILE A 12 -19.92 43.83 17.88
CA ILE A 12 -20.29 44.82 18.87
C ILE A 12 -19.69 46.16 18.47
N 2ML A 13 -18.41 46.13 18.09
CA 2ML A 13 -17.71 47.31 17.57
CB1 2ML A 13 -16.31 46.90 17.06
CB2 2ML A 13 -17.51 48.38 18.65
CG 2ML A 13 -15.61 47.93 16.19
CD1 2ML A 13 -15.31 47.34 14.83
CD2 2ML A 13 -14.32 48.38 16.83
C 2ML A 13 -18.47 47.98 16.36
O 2ML A 13 -18.64 49.21 16.37
N LEU A 14 -18.89 47.17 15.40
CA LEU A 14 -19.64 47.66 14.25
C LEU A 14 -20.96 48.27 14.68
N ASP A 15 -21.58 47.67 15.69
CA ASP A 15 -22.85 48.20 16.20
C ASP A 15 -22.66 49.57 16.83
N LYS A 16 -21.60 49.75 17.60
CA LYS A 16 -21.35 51.05 18.22
C LYS A 16 -20.99 52.10 17.17
N LYS A 17 -20.32 51.69 16.10
CA LYS A 17 -20.07 52.63 15.00
C LYS A 17 -21.35 52.96 14.26
N ALA A 18 -22.35 52.08 14.31
CA ALA A 18 -23.64 52.36 13.70
C ALA A 18 -24.45 53.34 14.54
N GLN A 19 -24.35 53.21 15.87
CA GLN A 19 -25.06 54.13 16.76
C GLN A 19 -24.47 55.52 16.69
N AIB A 20 -23.15 55.59 16.71
CA AIB A 20 -22.38 56.87 16.53
C AIB A 20 -22.85 57.58 15.25
O AIB A 20 -23.21 58.77 15.35
CB1 AIB A 20 -22.62 57.75 17.74
CB2 AIB A 20 -20.90 56.51 16.38
N ALA A 21 -22.88 56.89 14.12
CA ALA A 21 -23.28 57.47 12.85
C ALA A 21 -24.74 57.90 12.86
N PHE A 22 -25.58 57.17 13.60
CA PHE A 22 -26.99 57.53 13.68
C PHE A 22 -27.17 58.89 14.34
N ILE A 23 -26.44 59.15 15.41
CA ILE A 23 -26.50 60.47 16.05
C ILE A 23 -25.92 61.54 15.13
N GLU A 24 -24.88 61.18 14.38
CA GLU A 24 -24.31 62.11 13.40
C GLU A 24 -25.36 62.50 12.36
N TYR A 25 -26.16 61.54 11.90
CA TYR A 25 -27.24 61.84 10.98
C TYR A 25 -28.27 62.77 11.63
N LEU A 26 -28.57 62.55 12.91
CA LEU A 26 -29.53 63.40 13.60
C LEU A 26 -29.03 64.83 13.72
N LEU A 27 -27.73 65.00 13.99
CA LEU A 27 -27.18 66.35 14.15
C LEU A 27 -27.15 67.10 12.83
N GLU A 28 -26.40 66.59 11.86
CA GLU A 28 -26.26 67.23 10.56
C GLU A 28 -26.49 66.20 9.47
N GLY A 29 -26.59 66.69 8.24
CA GLY A 29 -26.84 65.83 7.09
C GLY A 29 -28.30 65.56 6.82
N GLY A 30 -29.04 65.15 7.85
CA GLY A 30 -30.46 64.89 7.71
C GLY A 30 -31.29 65.62 8.76
N VAL B 2 -27.87 46.48 20.37
CA VAL B 2 -28.12 47.66 21.19
C VAL B 2 -28.61 48.81 20.32
N MET B 3 -28.35 48.69 19.01
CA MET B 3 -28.82 49.71 18.07
C MET B 3 -30.34 49.77 18.02
N ASP B 4 -31.00 48.63 18.20
CA ASP B 4 -32.46 48.62 18.26
C ASP B 4 -32.97 49.44 19.44
N PHE B 5 -32.31 49.31 20.60
CA PHE B 5 -32.72 50.07 21.78
C PHE B 5 -32.59 51.57 21.55
N LEU B 6 -31.52 51.99 20.86
CA LEU B 6 -31.34 53.41 20.58
C LEU B 6 -32.46 53.94 19.69
N PHE B 7 -32.86 53.17 18.68
CA PHE B 7 -33.93 53.62 17.79
C PHE B 7 -35.26 53.73 18.54
N GLU B 8 -35.57 52.75 19.39
CA GLU B 8 -36.82 52.81 20.15
C GLU B 8 -36.81 53.97 21.13
N LYS B 9 -35.67 54.24 21.77
CA LYS B 9 -35.59 55.37 22.68
C LYS B 9 -35.81 56.69 21.94
N TRP B 10 -35.29 56.80 20.73
CA TRP B 10 -35.55 58.00 19.92
C TRP B 10 -37.02 58.09 19.53
N LYS B 11 -37.65 56.95 19.24
CA LYS B 11 -39.08 56.94 18.94
C LYS B 11 -39.89 57.46 20.11
N LEU B 12 -39.54 57.04 21.33
CA LEU B 12 -40.22 57.55 22.51
C LEU B 12 -40.02 59.05 22.68
N TYR B 13 -38.80 59.54 22.40
CA TYR B 13 -38.53 60.96 22.51
C TYR B 13 -39.38 61.77 21.53
N GLY B 14 -39.51 61.27 20.30
CA GLY B 14 -40.35 61.96 19.33
C GLY B 14 -41.81 62.01 19.77
N ASP B 15 -42.31 60.91 20.33
CA ASP B 15 -43.67 60.91 20.86
C ASP B 15 -43.79 61.75 22.13
N GLN B 16 -42.73 61.80 22.94
CA GLN B 16 -42.80 62.53 24.20
C GLN B 16 -42.98 64.02 23.97
N CYS B 17 -42.17 64.62 23.09
CA CYS B 17 -42.28 66.05 22.83
C CYS B 17 -43.61 66.39 22.16
N HIS B 18 -44.04 65.55 21.21
CA HIS B 18 -45.30 65.80 20.52
C HIS B 18 -46.48 65.72 21.49
N HIS B 19 -46.44 64.76 22.42
CA HIS B 19 -47.50 64.66 23.42
C HIS B 19 -47.54 65.90 24.31
N ASN B 20 -46.38 66.38 24.75
CA ASN B 20 -46.33 67.59 25.55
C ASN B 20 -46.76 68.81 24.73
N LEU B 21 -46.33 68.88 23.48
CA LEU B 21 -46.70 70.00 22.62
C LEU B 21 -48.15 69.89 22.19
N VAL B 31 -38.87 86.12 21.20
CA VAL B 31 -39.09 84.70 21.45
C VAL B 31 -39.34 83.97 20.14
N CYS B 32 -39.73 82.70 20.24
CA CYS B 32 -39.95 81.88 19.06
C CYS B 32 -40.89 80.74 19.42
N ASN B 33 -41.44 80.10 18.39
CA ASN B 33 -42.43 79.05 18.57
C ASN B 33 -41.75 77.74 18.95
N ARG B 34 -42.55 76.71 19.16
CA ARG B 34 -42.06 75.40 19.57
C ARG B 34 -41.91 74.51 18.34
N THR B 35 -40.72 73.96 18.15
CA THR B 35 -40.43 73.08 17.03
C THR B 35 -39.55 71.94 17.50
N PHE B 36 -39.88 70.72 17.05
CA PHE B 36 -39.10 69.53 17.36
C PHE B 36 -38.22 69.19 16.17
N ASP B 37 -36.91 69.20 16.38
CA ASP B 37 -35.96 68.78 15.36
C ASP B 37 -35.60 67.31 15.59
N LYS B 38 -34.72 66.79 14.75
CA LYS B 38 -34.37 65.37 14.83
C LYS B 38 -33.61 65.03 16.10
N TYR B 39 -32.96 66.01 16.73
CA TYR B 39 -32.14 65.75 17.91
C TYR B 39 -32.93 65.95 19.20
N SER B 40 -33.46 67.16 19.41
CA SER B 40 -34.17 67.50 20.62
C SER B 40 -35.30 68.46 20.27
N CYS B 41 -35.93 69.04 21.28
CA CYS B 41 -36.99 70.02 21.07
C CYS B 41 -37.01 70.99 22.23
N TRP B 42 -37.56 72.18 21.96
CA TRP B 42 -37.64 73.24 22.95
C TRP B 42 -39.04 73.82 22.99
N PRO B 43 -39.47 74.32 24.15
CA PRO B 43 -40.79 74.94 24.25
C PRO B 43 -40.85 76.25 23.49
N ASP B 44 -42.07 76.67 23.19
CA ASP B 44 -42.31 77.93 22.49
C ASP B 44 -41.92 79.11 23.37
N ALA B 51 -32.33 77.77 24.83
CA ALA B 51 -31.42 76.91 25.57
C ALA B 51 -32.08 76.38 26.85
N ASN B 52 -31.26 76.18 27.88
CA ASN B 52 -31.73 75.71 29.18
C ASN B 52 -32.52 74.40 29.05
N ILE B 53 -32.03 73.50 28.21
CA ILE B 53 -32.63 72.19 28.02
C ILE B 53 -31.54 71.13 28.19
N SER B 54 -31.81 70.14 29.04
CA SER B 54 -30.84 69.09 29.29
C SER B 54 -30.70 68.18 28.08
N CYS B 55 -29.61 67.41 28.08
CA CYS B 55 -29.37 66.49 26.97
C CYS B 55 -30.45 65.41 26.93
N PRO B 56 -30.92 65.04 25.74
CA PRO B 56 -31.99 64.04 25.66
C PRO B 56 -31.53 62.69 26.17
N TRP B 57 -32.47 61.92 26.71
CA TRP B 57 -32.13 60.67 27.38
C TRP B 57 -31.96 59.50 26.41
N TYR B 58 -32.24 59.68 25.13
CA TYR B 58 -32.06 58.57 24.20
C TYR B 58 -30.61 58.36 23.81
N LEU B 59 -29.73 59.31 24.11
CA LEU B 59 -28.32 59.14 23.79
C LEU B 59 -27.73 57.99 24.59
N PRO B 60 -26.98 57.08 23.96
CA PRO B 60 -26.40 55.96 24.73
C PRO B 60 -25.41 56.40 25.80
N TRP B 61 -24.81 57.58 25.66
CA TRP B 61 -23.89 58.13 26.66
C TRP B 61 -24.56 59.22 27.48
N HIS B 62 -25.85 59.07 27.78
CA HIS B 62 -26.58 60.09 28.52
C HIS B 62 -26.06 60.23 29.95
N HIS B 63 -25.46 59.17 30.50
CA HIS B 63 -24.95 59.24 31.86
C HIS B 63 -23.81 60.25 31.97
N LYS B 64 -22.91 60.27 31.00
CA LYS B 64 -21.78 61.19 31.03
C LYS B 64 -22.20 62.64 30.78
N VAL B 65 -23.36 62.85 30.16
CA VAL B 65 -23.83 64.20 29.86
C VAL B 65 -25.14 64.46 30.57
N GLN B 66 -25.32 63.84 31.74
CA GLN B 66 -26.57 63.98 32.48
C GLN B 66 -26.79 65.44 32.90
N HIS B 67 -25.74 66.11 33.35
CA HIS B 67 -25.85 67.51 33.79
C HIS B 67 -25.60 68.50 32.66
N ARG B 68 -25.29 68.02 31.45
CA ARG B 68 -25.02 68.92 30.34
C ARG B 68 -26.31 69.58 29.86
N PHE B 69 -26.15 70.64 29.07
CA PHE B 69 -27.27 71.39 28.54
C PHE B 69 -27.08 71.64 27.05
N VAL B 70 -28.19 71.82 26.35
CA VAL B 70 -28.21 72.15 24.93
C VAL B 70 -28.48 73.64 24.79
N PHE B 71 -27.61 74.33 24.05
CA PHE B 71 -27.62 75.79 23.97
C PHE B 71 -28.07 76.22 22.57
N LYS B 72 -29.39 76.34 22.39
CA LYS B 72 -29.96 76.96 21.20
C LYS B 72 -30.88 78.08 21.64
N ARG B 73 -30.71 79.26 21.04
CA ARG B 73 -31.46 80.44 21.42
C ARG B 73 -32.05 81.09 20.17
N CYS B 74 -32.93 82.05 20.38
CA CYS B 74 -33.59 82.76 19.29
C CYS B 74 -33.28 84.25 19.26
N GLY B 75 -33.37 84.95 20.39
CA GLY B 75 -33.13 86.37 20.42
C GLY B 75 -34.10 87.13 19.56
N PRO B 76 -33.61 87.67 18.45
CA PRO B 76 -34.51 88.33 17.49
C PRO B 76 -35.45 87.34 16.81
N ASP B 77 -36.34 87.83 15.94
CA ASP B 77 -37.32 86.98 15.30
C ASP B 77 -36.79 86.30 14.03
N GLY B 78 -35.58 86.62 13.60
CA GLY B 78 -35.04 86.04 12.38
C GLY B 78 -34.68 84.58 12.50
N GLN B 79 -35.48 83.72 11.86
CA GLN B 79 -35.30 82.27 11.87
C GLN B 79 -35.09 81.75 13.28
N TRP B 80 -34.03 80.96 13.49
CA TRP B 80 -33.74 80.43 14.82
C TRP B 80 -32.43 81.01 15.37
N VAL B 81 -31.33 80.80 14.66
CA VAL B 81 -30.10 81.51 15.00
C VAL B 81 -29.59 82.26 13.78
N ARG B 82 -29.15 81.53 12.75
CA ARG B 82 -28.83 82.14 11.47
C ARG B 82 -29.19 81.24 10.31
N GLY B 83 -29.72 80.05 10.60
CA GLY B 83 -29.93 79.02 9.60
C GLY B 83 -28.74 78.85 8.67
N PRO B 84 -27.60 78.42 9.22
CA PRO B 84 -26.35 78.44 8.43
C PRO B 84 -26.38 77.64 7.14
N ARG B 85 -26.57 76.32 7.23
CA ARG B 85 -26.50 75.49 6.04
C ARG B 85 -27.82 74.81 5.72
N GLY B 86 -28.35 74.04 6.67
CA GLY B 86 -29.57 73.31 6.48
C GLY B 86 -30.53 73.49 7.63
N GLN B 87 -30.58 74.71 8.16
CA GLN B 87 -31.31 75.06 9.37
C GLN B 87 -30.91 74.13 10.54
N PRO B 88 -29.62 74.09 10.92
CA PRO B 88 -29.24 73.32 12.11
C PRO B 88 -29.43 74.12 13.38
N TRP B 89 -29.01 73.55 14.51
CA TRP B 89 -29.12 74.23 15.79
C TRP B 89 -27.78 74.62 16.39
N ARG B 90 -26.66 74.20 15.82
CA ARG B 90 -25.30 74.52 16.30
C ARG B 90 -25.14 73.87 17.69
N ASP B 91 -24.43 74.53 18.61
CA ASP B 91 -24.02 73.99 19.91
C ASP B 91 -23.67 72.50 19.84
N ALA B 92 -24.34 71.68 20.66
CA ALA B 92 -24.08 70.25 20.75
C ALA B 92 -22.62 69.98 21.09
N SER B 93 -22.05 70.82 21.95
CA SER B 93 -20.66 70.69 22.40
C SER B 93 -20.55 70.10 23.79
N GLN B 94 -21.42 70.52 24.72
CA GLN B 94 -21.38 69.97 26.06
C GLN B 94 -21.95 68.55 26.13
N CYS B 95 -22.82 68.18 25.19
CA CYS B 95 -23.38 66.84 25.12
C CYS B 95 -22.63 65.94 24.15
N GLN B 96 -21.54 66.42 23.56
CA GLN B 96 -20.77 65.63 22.61
C GLN B 96 -20.00 64.53 23.33
N MET B 97 -19.83 63.41 22.64
CA MET B 97 -19.10 62.27 23.20
C MET B 97 -17.65 62.64 23.43
N ASP B 98 -17.05 62.03 24.46
CA ASP B 98 -15.67 62.32 24.82
C ASP B 98 -14.74 61.91 23.68
N GLY B 99 -13.74 62.75 23.41
CA GLY B 99 -12.79 62.46 22.35
C GLY B 99 -11.92 61.25 22.63
N GLU B 100 -11.58 61.01 23.90
CA GLU B 100 -10.73 59.88 24.24
C GLU B 100 -11.42 58.56 23.91
N GLU B 101 -12.72 58.45 24.21
CA GLU B 101 -13.46 57.24 23.87
C GLU B 101 -13.57 57.05 22.36
N ILE B 102 -13.77 58.15 21.62
CA ILE B 102 -13.81 58.04 20.16
C ILE B 102 -12.45 57.65 19.61
N GLU B 103 -11.38 58.24 20.15
CA GLU B 103 -10.04 57.97 19.62
C GLU B 103 -9.63 56.51 19.85
N VAL B 104 -9.92 55.96 21.03
CA VAL B 104 -9.52 54.59 21.31
C VAL B 104 -10.33 53.61 20.47
N GLN B 105 -11.61 53.91 20.25
CA GLN B 105 -12.44 53.02 19.43
C GLN B 105 -12.02 53.04 17.98
N LYS B 106 -11.56 54.19 17.47
CA LYS B 106 -11.05 54.25 16.12
C LYS B 106 -9.78 53.41 15.97
N GLU B 107 -8.92 53.41 16.99
CA GLU B 107 -7.75 52.56 16.98
C GLU B 107 -8.12 51.09 17.02
N VAL B 108 -9.12 50.73 17.83
CA VAL B 108 -9.58 49.35 17.89
C VAL B 108 -10.20 48.94 16.56
N ALA B 109 -10.94 49.85 15.92
CA ALA B 109 -11.52 49.54 14.61
C ALA B 109 -10.45 49.27 13.57
N LYS B 110 -9.36 50.04 13.60
CA LYS B 110 -8.26 49.81 12.67
C LYS B 110 -7.59 48.46 12.91
N MET B 111 -7.40 48.09 14.18
CA MET B 111 -6.73 46.83 14.49
C MET B 111 -7.54 45.64 14.00
N TYR B 112 -8.86 45.66 14.21
CA TYR B 112 -9.70 44.53 13.79
C TYR B 112 -9.68 44.36 12.28
N SER B 113 -9.67 45.46 11.54
CA SER B 113 -9.63 45.37 10.08
C SER B 113 -8.32 44.75 9.61
N SER B 114 -7.21 45.08 10.27
CA SER B 114 -5.94 44.46 9.93
C SER B 114 -5.96 42.97 10.21
N PHE B 115 -6.54 42.56 11.35
CA PHE B 115 -6.67 41.13 11.64
C PHE B 115 -7.59 40.46 10.64
N GLN B 116 -8.68 41.11 10.27
CA GLN B 116 -9.64 40.51 9.35
C GLN B 116 -9.01 40.24 7.99
N VAL B 117 -8.13 41.13 7.53
CA VAL B 117 -7.39 40.87 6.31
C VAL B 117 -6.41 39.72 6.52
N MET B 118 -5.84 39.62 7.73
CA MET B 118 -4.82 38.60 7.99
C MET B 118 -5.42 37.19 7.91
N TYR B 119 -6.61 36.97 8.46
CA TYR B 119 -7.19 35.64 8.41
C TYR B 119 -8.03 35.40 7.16
N THR B 120 -8.39 36.44 6.42
CA THR B 120 -9.01 36.23 5.11
C THR B 120 -8.02 35.57 4.16
N VAL B 121 -6.75 35.97 4.24
CA VAL B 121 -5.71 35.30 3.48
C VAL B 121 -5.52 33.86 3.96
N GLY B 122 -5.52 33.67 5.28
CA GLY B 122 -5.34 32.32 5.81
C GLY B 122 -6.46 31.38 5.46
N TYR B 123 -7.71 31.87 5.50
CA TYR B 123 -8.85 31.02 5.15
C TYR B 123 -8.89 30.76 3.64
N SER B 124 -8.57 31.77 2.84
CA SER B 124 -8.56 31.58 1.39
C SER B 124 -7.43 30.64 0.96
N LEU B 125 -6.26 30.78 1.57
CA LEU B 125 -5.16 29.86 1.28
C LEU B 125 -5.49 28.45 1.74
N SER B 126 -6.15 28.33 2.89
CA SER B 126 -6.58 27.01 3.36
C SER B 126 -7.63 26.41 2.44
N LEU B 127 -8.59 27.23 1.98
CA LEU B 127 -9.63 26.72 1.09
C LEU B 127 -9.04 26.17 -0.20
N GLY B 128 -8.06 26.86 -0.77
CA GLY B 128 -7.41 26.36 -1.97
C GLY B 128 -6.65 25.08 -1.72
N ALA B 129 -5.95 24.98 -0.59
CA ALA B 129 -5.16 23.80 -0.30
C ALA B 129 -6.02 22.59 0.00
N LEU B 130 -7.15 22.81 0.68
CA LEU B 130 -8.00 21.68 1.08
C LEU B 130 -8.76 21.10 -0.11
N LEU B 131 -9.26 21.96 -0.99
CA LEU B 131 -9.96 21.47 -2.19
C LEU B 131 -9.00 20.72 -3.10
N LEU B 132 -7.76 21.19 -3.19
CA LEU B 132 -6.74 20.45 -3.94
C LEU B 132 -6.40 19.14 -3.23
N ALA B 133 -6.43 19.13 -1.90
CA ALA B 133 -6.12 17.92 -1.15
C ALA B 133 -7.24 16.89 -1.27
N LEU B 134 -8.49 17.35 -1.33
CA LEU B 134 -9.60 16.43 -1.49
C LEU B 134 -9.54 15.71 -2.83
N ALA B 135 -9.16 16.44 -3.89
CA ALA B 135 -9.09 15.83 -5.21
C ALA B 135 -8.03 14.74 -5.25
N ILE B 136 -6.86 15.00 -4.67
CA ILE B 136 -5.79 13.99 -4.67
C ILE B 136 -6.19 12.79 -3.84
N LEU B 137 -6.80 13.03 -2.67
CA LEU B 137 -7.24 11.92 -1.82
C LEU B 137 -8.34 11.11 -2.49
N GLY B 138 -9.26 11.78 -3.18
CA GLY B 138 -10.38 11.11 -3.79
C GLY B 138 -10.17 10.72 -5.24
N GLY B 139 -8.92 10.68 -5.67
CA GLY B 139 -8.62 10.36 -7.06
C GLY B 139 -7.41 9.46 -7.27
N LEU B 140 -7.13 8.58 -6.33
CA LEU B 140 -6.00 7.67 -6.42
C LEU B 140 -6.43 6.30 -5.87
N SER B 141 -5.44 5.45 -5.58
CA SER B 141 -5.73 4.08 -5.16
C SER B 141 -6.42 4.05 -3.80
N LYS B 142 -5.90 4.81 -2.84
CA LYS B 142 -6.37 4.76 -1.45
C LYS B 142 -7.67 5.55 -1.33
N LEU B 143 -8.77 4.86 -1.61
CA LEU B 143 -10.11 5.46 -1.58
C LEU B 143 -10.97 4.93 -0.45
N HIS B 144 -11.16 3.61 -0.37
CA HIS B 144 -11.88 3.04 0.76
C HIS B 144 -11.14 3.23 2.08
N CYS B 145 -9.83 3.46 2.01
CA CYS B 145 -8.97 3.56 3.19
C CYS B 145 -9.62 4.45 4.25
N THR B 146 -9.92 3.87 5.40
CA THR B 146 -10.59 4.61 6.45
C THR B 146 -9.72 5.75 6.97
N ARG B 147 -8.40 5.59 6.88
CA ARG B 147 -7.51 6.68 7.28
C ARG B 147 -7.76 7.92 6.43
N ASN B 148 -7.87 7.75 5.11
CA ASN B 148 -8.15 8.86 4.22
C ASN B 148 -9.64 9.21 4.16
N ALA B 149 -10.51 8.32 4.63
CA ALA B 149 -11.92 8.67 4.75
C ALA B 149 -12.18 9.53 5.98
N ILE B 150 -11.41 9.33 7.05
CA ILE B 150 -11.48 10.23 8.19
C ILE B 150 -10.87 11.58 7.83
N HIS B 151 -9.74 11.58 7.10
CA HIS B 151 -9.11 12.82 6.69
C HIS B 151 -9.98 13.61 5.73
N ALA B 152 -10.61 12.93 4.77
CA ALA B 152 -11.42 13.62 3.78
C ALA B 152 -12.60 14.33 4.43
N ASN B 153 -13.22 13.70 5.41
CA ASN B 153 -14.27 14.38 6.18
C ASN B 153 -13.71 15.49 7.06
N LEU B 154 -12.49 15.30 7.59
CA LEU B 154 -11.85 16.37 8.33
C LEU B 154 -11.56 17.56 7.43
N PHE B 155 -11.09 17.32 6.21
CA PHE B 155 -10.82 18.41 5.28
C PHE B 155 -12.10 19.16 4.93
N ALA B 156 -13.21 18.44 4.80
CA ALA B 156 -14.48 19.08 4.48
C ALA B 156 -15.04 19.88 5.64
N SER B 157 -14.60 19.61 6.87
CA SER B 157 -14.99 20.44 8.01
C SER B 157 -14.20 21.74 8.04
N PHE B 158 -12.94 21.72 7.60
CA PHE B 158 -12.18 22.97 7.47
C PHE B 158 -12.73 23.82 6.34
N VAL B 159 -13.14 23.19 5.23
CA VAL B 159 -13.76 23.92 4.14
C VAL B 159 -15.12 24.47 4.58
N LEU B 160 -15.83 23.73 5.42
CA LEU B 160 -17.15 24.16 5.88
C LEU B 160 -17.05 25.35 6.83
N LYS B 161 -15.95 25.46 7.58
CA LYS B 161 -15.81 26.57 8.51
C LYS B 161 -15.12 27.76 7.86
N ALA B 162 -14.16 27.54 6.97
CA ALA B 162 -13.52 28.63 6.26
C ALA B 162 -14.54 29.37 5.39
N SER B 163 -15.42 28.64 4.72
CA SER B 163 -16.46 29.26 3.89
C SER B 163 -17.45 30.02 4.75
N SER B 164 -17.93 29.40 5.84
CA SER B 164 -18.93 30.03 6.68
C SER B 164 -18.41 31.28 7.36
N VAL B 165 -17.13 31.31 7.71
CA VAL B 165 -16.54 32.50 8.32
C VAL B 165 -16.41 33.62 7.30
N LEU B 166 -16.03 33.29 6.07
CA LEU B 166 -15.92 34.31 5.03
C LEU B 166 -17.29 34.85 4.64
N VAL B 167 -18.31 33.99 4.63
CA VAL B 167 -19.65 34.43 4.24
C VAL B 167 -20.22 35.40 5.27
N ILE B 168 -20.09 35.06 6.56
CA ILE B 168 -20.67 35.91 7.60
C ILE B 168 -19.92 37.23 7.69
N ASP B 169 -18.60 37.21 7.50
CA ASP B 169 -17.83 38.45 7.52
C ASP B 169 -18.14 39.33 6.32
N GLY B 170 -18.40 38.72 5.16
CA GLY B 170 -18.82 39.51 4.01
C GLY B 170 -20.19 40.13 4.21
N LEU B 171 -21.11 39.38 4.81
CA LEU B 171 -22.44 39.91 5.10
C LEU B 171 -22.37 41.04 6.12
N LEU B 172 -21.49 40.91 7.11
CA LEU B 172 -21.37 41.95 8.14
C LEU B 172 -20.85 43.26 7.55
N ARG B 173 -19.87 43.19 6.65
CA ARG B 173 -19.33 44.41 6.04
C ARG B 173 -20.39 45.13 5.22
N THR B 174 -21.14 44.38 4.41
CA THR B 174 -22.18 45.00 3.59
C THR B 174 -23.28 45.63 4.43
N ARG B 175 -23.68 44.95 5.51
CA ARG B 175 -24.80 45.44 6.32
C ARG B 175 -24.48 46.77 6.98
N TYR B 176 -23.26 46.92 7.51
CA TYR B 176 -22.90 48.12 8.26
C TYR B 176 -22.19 49.16 7.42
N SER B 177 -21.99 48.93 6.12
CA SER B 177 -21.38 49.92 5.25
C SER B 177 -22.43 50.79 4.56
N GLN B 178 -23.71 50.58 4.82
CA GLN B 178 -24.75 51.38 4.20
C GLN B 178 -24.80 52.76 4.85
N LYS B 179 -25.61 53.63 4.26
CA LYS B 179 -25.82 54.99 4.76
C LYS B 179 -27.31 55.26 4.88
N ILE B 180 -27.67 56.04 5.90
CA ILE B 180 -29.06 56.39 6.17
C ILE B 180 -29.28 57.84 5.77
N GLY B 181 -30.32 58.07 4.98
CA GLY B 181 -30.64 59.42 4.53
C GLY B 181 -32.13 59.67 4.56
N ASP B 182 -32.89 58.71 5.09
CA ASP B 182 -34.34 58.82 5.18
C ASP B 182 -34.78 58.37 6.57
N ASP B 183 -35.92 58.89 7.01
CA ASP B 183 -36.47 58.49 8.30
C ASP B 183 -36.85 57.02 8.31
N LEU B 184 -37.45 56.55 7.22
CA LEU B 184 -37.85 55.15 7.11
C LEU B 184 -36.69 54.24 6.71
N SER B 185 -35.56 54.80 6.29
CA SER B 185 -34.41 53.98 5.92
C SER B 185 -33.89 53.18 7.11
N VAL B 186 -33.89 53.80 8.29
CA VAL B 186 -33.46 53.07 9.49
C VAL B 186 -34.46 52.00 9.86
N SER B 187 -35.76 52.27 9.66
CA SER B 187 -36.79 51.32 10.07
C SER B 187 -36.68 50.01 9.30
N THR B 188 -36.45 50.08 8.00
CA THR B 188 -36.30 48.87 7.19
C THR B 188 -34.96 48.20 7.40
N TRP B 189 -33.98 48.91 7.96
CA TRP B 189 -32.69 48.31 8.24
C TRP B 189 -32.73 47.42 9.48
N LEU B 190 -33.56 47.75 10.46
CA LEU B 190 -33.69 46.97 11.68
C LEU B 190 -34.72 45.86 11.58
N SER B 191 -35.50 45.82 10.51
CA SER B 191 -36.56 44.83 10.39
C SER B 191 -36.02 43.49 9.92
N ASP B 192 -36.82 42.45 10.11
CA ASP B 192 -36.48 41.13 9.60
C ASP B 192 -36.58 41.11 8.08
N GLY B 193 -35.80 40.24 7.47
CA GLY B 193 -35.74 40.16 6.02
C GLY B 193 -34.43 40.70 5.49
N ALA B 194 -33.96 41.80 6.06
CA ALA B 194 -32.62 42.28 5.81
C ALA B 194 -31.58 41.61 6.70
N VAL B 195 -32.03 40.91 7.75
CA VAL B 195 -31.13 40.19 8.65
C VAL B 195 -31.33 38.69 8.59
N ALA B 196 -32.42 38.21 7.99
CA ALA B 196 -32.68 36.77 7.95
C ALA B 196 -31.60 36.02 7.18
N GLY B 197 -31.05 36.64 6.14
CA GLY B 197 -29.93 36.03 5.45
C GLY B 197 -28.69 35.97 6.31
N CYS B 198 -28.48 36.99 7.16
CA CYS B 198 -27.33 37.00 8.05
C CYS B 198 -27.48 35.97 9.16
N ARG B 199 -28.69 35.79 9.68
CA ARG B 199 -28.89 34.85 10.78
C ARG B 199 -28.72 33.40 10.33
N VAL B 200 -29.08 33.09 9.09
CA VAL B 200 -28.84 31.76 8.56
C VAL B 200 -27.33 31.50 8.46
N ALA B 201 -26.57 32.49 7.97
CA ALA B 201 -25.13 32.36 7.90
C ALA B 201 -24.48 32.34 9.28
N ALA B 202 -25.13 32.92 10.28
CA ALA B 202 -24.61 32.83 11.65
C ALA B 202 -24.75 31.42 12.20
N VAL B 203 -25.88 30.77 11.93
CA VAL B 203 -26.07 29.38 12.36
C VAL B 203 -25.12 28.46 11.60
N PHE B 204 -24.89 28.75 10.32
CA PHE B 204 -23.98 27.95 9.52
C PHE B 204 -22.53 28.17 9.94
N MET B 205 -22.21 29.33 10.51
CA MET B 205 -20.86 29.56 11.03
C MET B 205 -20.62 28.78 12.32
N GLN B 206 -21.59 28.81 13.24
CA GLN B 206 -21.43 28.11 14.50
C GLN B 206 -21.40 26.60 14.31
N TYR B 207 -22.15 26.08 13.35
CA TYR B 207 -22.09 24.64 13.05
C TYR B 207 -20.71 24.26 12.53
N GLY B 208 -20.14 25.07 11.65
CA GLY B 208 -18.83 24.75 11.09
C GLY B 208 -17.72 24.75 12.13
N ILE B 209 -17.82 25.63 13.12
CA ILE B 209 -16.81 25.66 14.18
C ILE B 209 -16.92 24.43 15.07
N VAL B 210 -18.14 24.06 15.45
CA VAL B 210 -18.34 22.89 16.30
C VAL B 210 -18.05 21.61 15.52
N ALA B 211 -18.53 21.53 14.27
CA ALA B 211 -18.28 20.34 13.47
C ALA B 211 -16.83 20.17 13.09
N ASN B 212 -16.03 21.24 13.16
CA ASN B 212 -14.60 21.11 12.92
C ASN B 212 -13.89 20.49 14.12
N TYR B 213 -14.31 20.82 15.33
CA TYR B 213 -13.74 20.23 16.52
C TYR B 213 -14.31 18.85 16.83
N CYS B 214 -15.44 18.49 16.22
CA CYS B 214 -15.95 17.13 16.33
C CYS B 214 -15.27 16.18 15.36
N TRP B 215 -14.70 16.69 14.27
CA TRP B 215 -13.87 15.88 13.40
C TRP B 215 -12.40 15.90 13.78
N LEU B 216 -11.98 16.92 14.53
CA LEU B 216 -10.69 16.86 15.21
C LEU B 216 -10.68 15.79 16.29
N LEU B 217 -11.84 15.55 16.91
CA LEU B 217 -11.96 14.51 17.93
C LEU B 217 -12.04 13.12 17.31
N VAL B 218 -12.68 12.99 16.14
CA VAL B 218 -12.76 11.70 15.47
C VAL B 218 -11.38 11.25 15.03
N GLU B 219 -10.53 12.19 14.61
CA GLU B 219 -9.15 11.85 14.29
C GLU B 219 -8.42 11.29 15.52
N GLY B 220 -8.63 11.91 16.68
CA GLY B 220 -8.03 11.39 17.89
C GLY B 220 -8.62 10.06 18.31
N LEU B 221 -9.96 9.93 18.26
CA LEU B 221 -10.60 8.70 18.70
C LEU B 221 -10.27 7.53 17.78
N TYR B 222 -10.22 7.77 16.48
CA TYR B 222 -9.89 6.70 15.54
C TYR B 222 -8.45 6.24 15.73
N LEU B 223 -7.50 7.17 15.89
CA LEU B 223 -6.11 6.82 16.07
C LEU B 223 -5.81 6.27 17.46
N HIS B 224 -6.54 6.74 18.48
CA HIS B 224 -6.39 6.18 19.82
C HIS B 224 -6.88 4.74 19.87
N ASN B 225 -7.95 4.43 19.14
CA ASN B 225 -8.48 3.08 19.11
C ASN B 225 -7.63 2.14 18.26
N LEU B 226 -7.01 2.66 17.21
CA LEU B 226 -6.12 1.84 16.38
C LEU B 226 -4.94 1.32 17.19
N LEU B 227 -4.34 2.19 18.01
CA LEU B 227 -3.10 1.84 18.69
C LEU B 227 -3.33 1.05 19.97
N GLY B 228 -4.57 0.81 20.36
CA GLY B 228 -4.84 0.01 21.54
C GLY B 228 -5.15 -1.43 21.21
N LEU B 229 -5.36 -1.72 19.93
CA LEU B 229 -5.70 -3.06 19.48
C LEU B 229 -4.43 -3.89 19.27
N ALA B 230 -4.58 -5.20 19.42
CA ALA B 230 -3.51 -6.14 19.11
C ALA B 230 -3.57 -6.64 17.67
N THR B 231 -4.66 -6.38 16.96
CA THR B 231 -4.82 -6.82 15.58
C THR B 231 -5.55 -5.70 14.82
N LEU B 232 -6.00 -6.01 13.61
CA LEU B 232 -6.75 -5.06 12.81
C LEU B 232 -8.17 -4.90 13.35
N PRO B 233 -8.82 -3.77 13.06
CA PRO B 233 -10.10 -3.46 13.72
C PRO B 233 -11.30 -4.24 13.22
N GLU B 234 -11.10 -5.31 12.45
CA GLU B 234 -12.19 -6.18 12.02
C GLU B 234 -13.16 -5.46 11.10
N ARG B 235 -13.88 -4.46 11.62
CA ARG B 235 -14.76 -3.62 10.80
C ARG B 235 -14.41 -2.16 11.04
N SER B 236 -14.64 -1.34 10.01
CA SER B 236 -14.15 0.04 10.03
C SER B 236 -14.93 0.91 10.99
N PHE B 237 -16.21 0.60 11.23
CA PHE B 237 -17.07 1.39 12.12
C PHE B 237 -17.19 2.83 11.65
N PHE B 238 -17.10 3.06 10.35
CA PHE B 238 -17.16 4.40 9.77
C PHE B 238 -18.60 4.84 9.55
N SER B 239 -19.40 4.75 10.60
CA SER B 239 -20.77 5.26 10.60
C SER B 239 -21.03 5.94 11.93
N LEU B 240 -20.31 5.50 12.97
CA LEU B 240 -20.32 6.21 14.23
C LEU B 240 -19.50 7.49 14.16
N TYR B 241 -18.41 7.48 13.39
CA TYR B 241 -17.58 8.67 13.24
C TYR B 241 -18.31 9.75 12.46
N LEU B 242 -19.12 9.37 11.46
CA LEU B 242 -19.96 10.34 10.77
C LEU B 242 -21.04 10.90 11.69
N GLY B 243 -21.55 10.09 12.61
CA GLY B 243 -22.50 10.59 13.59
C GLY B 243 -21.87 11.56 14.56
N ILE B 244 -20.65 11.28 15.01
CA ILE B 244 -19.95 12.20 15.90
C ILE B 244 -19.51 13.45 15.14
N GLY B 245 -18.94 13.27 13.95
CA GLY B 245 -18.40 14.40 13.22
C GLY B 245 -19.48 15.37 12.74
N TRP B 246 -20.58 14.84 12.19
CA TRP B 246 -21.60 15.67 11.57
C TRP B 246 -22.90 15.76 12.34
N GLY B 247 -23.18 14.81 13.23
CA GLY B 247 -24.44 14.80 13.93
C GLY B 247 -24.37 15.34 15.34
N ALA B 248 -23.25 15.10 16.01
CA ALA B 248 -23.06 15.65 17.35
C ALA B 248 -23.15 17.17 17.40
N PRO B 249 -22.58 17.94 16.46
CA PRO B 249 -22.74 19.40 16.54
C PRO B 249 -24.18 19.87 16.57
N MET B 250 -25.08 19.20 15.83
CA MET B 250 -26.48 19.60 15.83
C MET B 250 -27.14 19.41 17.19
N LEU B 251 -26.56 18.58 18.06
CA LEU B 251 -27.07 18.43 19.41
C LEU B 251 -26.86 19.69 20.25
N PHE B 252 -25.95 20.56 19.85
CA PHE B 252 -25.65 21.79 20.57
C PHE B 252 -25.97 23.05 19.79
N VAL B 253 -25.89 23.03 18.46
CA VAL B 253 -26.22 24.20 17.66
C VAL B 253 -27.72 24.46 17.68
N VAL B 254 -28.52 23.41 17.54
CA VAL B 254 -29.98 23.59 17.51
C VAL B 254 -30.53 24.16 18.81
N PRO B 255 -30.17 23.64 19.99
CA PRO B 255 -30.59 24.33 21.22
C PRO B 255 -30.04 25.74 21.34
N TRP B 256 -28.87 26.01 20.74
CA TRP B 256 -28.36 27.38 20.74
C TRP B 256 -29.19 28.29 19.86
N ALA B 257 -29.59 27.81 18.67
CA ALA B 257 -30.34 28.63 17.74
C ALA B 257 -31.71 29.00 18.30
N VAL B 258 -32.39 28.05 18.95
CA VAL B 258 -33.72 28.33 19.45
C VAL B 258 -33.65 29.29 20.64
N VAL B 259 -32.68 29.11 21.53
CA VAL B 259 -32.51 30.03 22.65
C VAL B 259 -32.10 31.41 22.14
N LYS B 260 -31.21 31.45 21.14
CA LYS B 260 -30.84 32.72 20.53
C LYS B 260 -32.03 33.38 19.85
N CYS B 261 -32.93 32.59 19.28
CA CYS B 261 -34.12 33.13 18.63
C CYS B 261 -35.17 33.58 19.63
N LEU B 262 -35.20 32.99 20.82
CA LEU B 262 -36.21 33.33 21.82
C LEU B 262 -35.78 34.43 22.77
N PHE B 263 -34.53 34.40 23.23
CA PHE B 263 -34.07 35.31 24.28
C PHE B 263 -33.20 36.44 23.77
N GLU B 264 -32.40 36.22 22.73
CA GLU B 264 -31.45 37.20 22.23
C GLU B 264 -31.66 37.44 20.75
N ASN B 265 -32.92 37.63 20.34
CA ASN B 265 -33.25 37.88 18.94
C ASN B 265 -33.06 39.37 18.65
N VAL B 266 -31.80 39.80 18.68
CA VAL B 266 -31.42 41.16 18.37
C VAL B 266 -30.47 41.15 17.20
N GLN B 267 -30.85 41.84 16.12
CA GLN B 267 -30.05 41.95 14.91
C GLN B 267 -29.59 40.58 14.42
N CYS B 268 -28.39 40.51 13.84
CA CYS B 268 -27.81 39.26 13.41
C CYS B 268 -27.17 38.55 14.59
N TRP B 269 -27.36 37.23 14.66
CA TRP B 269 -26.96 36.45 15.83
C TRP B 269 -25.46 36.23 15.85
N THR B 270 -24.73 37.31 16.08
CA THR B 270 -23.27 37.26 16.15
C THR B 270 -22.71 37.76 17.46
N SER B 271 -23.30 38.79 18.05
CA SER B 271 -22.80 39.29 19.32
C SER B 271 -23.22 38.37 20.46
N ASN B 272 -22.31 38.13 21.39
CA ASN B 272 -22.58 37.34 22.58
C ASN B 272 -22.92 38.29 23.73
N ASP B 273 -24.18 38.31 24.14
CA ASP B 273 -24.61 39.14 25.26
C ASP B 273 -24.65 38.34 26.56
N ASN B 274 -25.41 37.25 26.58
CA ASN B 274 -25.46 36.36 27.73
C ASN B 274 -24.44 35.25 27.51
N MET B 275 -23.41 35.20 28.37
CA MET B 275 -22.39 34.18 28.23
C MET B 275 -22.88 32.79 28.62
N GLY B 276 -24.02 32.70 29.30
CA GLY B 276 -24.60 31.38 29.56
C GLY B 276 -25.02 30.67 28.29
N PHE B 277 -25.63 31.41 27.36
CA PHE B 277 -26.02 30.83 26.08
C PHE B 277 -24.83 30.63 25.16
N TRP B 278 -23.71 31.31 25.42
CA TRP B 278 -22.49 31.09 24.67
C TRP B 278 -21.78 29.81 25.09
N TRP B 279 -21.99 29.35 26.33
CA TRP B 279 -21.35 28.14 26.82
C TRP B 279 -21.95 26.86 26.26
N ILE B 280 -23.15 26.92 25.67
CA ILE B 280 -23.73 25.74 25.05
C ILE B 280 -23.23 25.53 23.63
N LEU B 281 -22.32 26.39 23.15
CA LEU B 281 -21.60 26.19 21.90
C LEU B 281 -20.14 25.83 22.10
N ARG B 282 -19.53 26.30 23.17
CA ARG B 282 -18.14 26.00 23.49
C ARG B 282 -17.99 24.85 24.47
N PHE B 283 -19.07 24.16 24.80
CA PHE B 283 -18.99 22.96 25.61
C PHE B 283 -18.55 21.76 24.77
N PRO B 284 -19.11 21.53 23.57
CA PRO B 284 -18.55 20.49 22.70
C PRO B 284 -17.18 20.83 22.13
N VAL B 285 -16.75 22.09 22.25
CA VAL B 285 -15.42 22.48 21.81
C VAL B 285 -14.40 22.29 22.92
N PHE B 286 -14.75 22.67 24.15
CA PHE B 286 -13.89 22.41 25.30
C PHE B 286 -13.76 20.90 25.55
N LEU B 287 -14.85 20.16 25.37
CA LEU B 287 -14.81 18.72 25.58
C LEU B 287 -13.90 18.03 24.57
N ALA B 288 -13.95 18.46 23.31
CA ALA B 288 -13.11 17.85 22.28
C ALA B 288 -11.64 18.13 22.53
N ILE B 289 -11.29 19.35 22.95
CA ILE B 289 -9.90 19.68 23.22
C ILE B 289 -9.41 18.94 24.46
N LEU B 290 -10.27 18.80 25.47
CA LEU B 290 -9.87 18.11 26.70
C LEU B 290 -9.57 16.64 26.43
N ILE B 291 -10.40 15.98 25.63
CA ILE B 291 -10.19 14.57 25.32
C ILE B 291 -8.97 14.39 24.43
N ASN B 292 -8.83 15.25 23.42
CA ASN B 292 -7.74 15.10 22.46
C ASN B 292 -6.38 15.42 23.05
N PHE B 293 -6.33 16.13 24.18
CA PHE B 293 -5.05 16.31 24.86
C PHE B 293 -4.65 15.07 25.63
N PHE B 294 -5.61 14.35 26.20
CA PHE B 294 -5.32 13.04 26.78
C PHE B 294 -4.82 12.07 25.72
N ILE B 295 -5.48 12.06 24.56
CA ILE B 295 -5.07 11.19 23.46
C ILE B 295 -3.70 11.61 22.93
N PHE B 296 -3.43 12.91 22.88
CA PHE B 296 -2.14 13.40 22.42
C PHE B 296 -1.01 12.91 23.32
N VAL B 297 -1.22 12.96 24.64
CA VAL B 297 -0.20 12.50 25.57
C VAL B 297 -0.02 10.99 25.49
N ARG B 298 -1.12 10.25 25.32
CA ARG B 298 -1.04 8.80 25.21
C ARG B 298 -0.26 8.38 23.96
N ILE B 299 -0.47 9.08 22.84
CA ILE B 299 0.22 8.72 21.62
C ILE B 299 1.69 9.07 21.70
N VAL B 300 2.02 10.21 22.33
CA VAL B 300 3.42 10.60 22.45
C VAL B 300 4.18 9.64 23.36
N GLN B 301 3.51 9.14 24.40
CA GLN B 301 4.12 8.12 25.25
C GLN B 301 4.43 6.86 24.46
N LEU B 302 3.52 6.46 23.56
CA LEU B 302 3.79 5.31 22.70
C LEU B 302 4.96 5.58 21.76
N LEU B 303 5.02 6.78 21.18
CA LEU B 303 6.10 7.10 20.26
C LEU B 303 7.46 7.06 20.95
N VAL B 304 7.55 7.61 22.16
CA VAL B 304 8.81 7.59 22.90
C VAL B 304 9.21 6.15 23.21
N ALA B 305 8.25 5.32 23.63
CA ALA B 305 8.55 3.94 23.97
C ALA B 305 9.07 3.16 22.76
N LYS B 306 8.48 3.39 21.59
CA LYS B 306 8.95 2.69 20.40
C LYS B 306 10.28 3.24 19.91
N LEU B 307 10.50 4.55 20.06
CA LEU B 307 11.77 5.14 19.64
C LEU B 307 12.91 4.67 20.53
N ARG B 308 12.67 4.52 21.82
CA ARG B 308 13.71 4.11 22.76
C ARG B 308 13.91 2.60 22.82
N ALA B 309 13.14 1.84 22.06
CA ALA B 309 13.32 0.40 22.00
C ALA B 309 14.66 0.06 21.36
N ARG B 310 15.33 -0.96 21.90
CA ARG B 310 16.67 -1.38 21.47
C ARG B 310 16.68 -2.00 20.09
N GLN B 311 15.54 -1.98 19.40
CA GLN B 311 15.44 -2.57 18.07
C GLN B 311 16.29 -1.83 17.06
N MET B 312 16.13 -0.50 16.99
CA MET B 312 16.86 0.31 16.02
C MET B 312 17.92 1.21 16.66
N HIS B 313 18.17 1.04 17.96
CA HIS B 313 19.29 1.65 18.68
C HIS B 313 19.49 3.13 18.32
N HIS B 314 18.48 3.93 18.69
CA HIS B 314 18.57 5.37 18.49
C HIS B 314 19.74 5.95 19.29
N THR B 315 20.54 6.77 18.62
CA THR B 315 21.75 7.36 19.21
C THR B 315 21.69 8.87 18.99
N ASP B 316 21.03 9.58 19.92
CA ASP B 316 20.98 11.04 19.97
C ASP B 316 20.13 11.64 18.87
N TYR B 317 19.67 10.82 17.93
CA TYR B 317 18.72 11.26 16.92
C TYR B 317 17.29 10.85 17.24
N LYS B 318 17.07 10.28 18.42
CA LYS B 318 15.71 10.02 18.88
C LYS B 318 14.96 11.33 19.13
N PHE B 319 15.68 12.36 19.58
CA PHE B 319 15.03 13.66 19.83
C PHE B 319 14.58 14.31 18.53
N ARG B 320 15.33 14.14 17.45
CA ARG B 320 14.95 14.75 16.19
C ARG B 320 13.65 14.16 15.66
N LEU B 321 13.49 12.84 15.76
CA LEU B 321 12.26 12.21 15.27
C LEU B 321 11.09 12.49 16.20
N ALA B 322 11.32 12.42 17.52
CA ALA B 322 10.26 12.73 18.47
C ALA B 322 9.79 14.17 18.34
N LYS B 323 10.68 15.08 17.97
CA LYS B 323 10.29 16.47 17.73
C LYS B 323 9.59 16.63 16.38
N SER B 324 10.02 15.87 15.37
CA SER B 324 9.40 16.00 14.06
C SER B 324 8.01 15.36 14.03
N THR B 325 7.80 14.27 14.77
CA THR B 325 6.53 13.58 14.77
C THR B 325 5.49 14.26 15.65
N LEU B 326 5.74 15.51 16.05
CA LEU B 326 4.72 16.36 16.64
C LEU B 326 4.03 17.23 15.61
N THR B 327 3.91 16.74 14.37
CA THR B 327 2.92 17.18 13.41
C THR B 327 1.54 16.65 13.76
N LEU B 328 1.42 16.01 14.92
CA LEU B 328 0.14 15.57 15.46
C LEU B 328 -0.61 16.72 16.12
N ILE B 329 0.06 17.84 16.38
CA ILE B 329 -0.62 19.01 16.95
C ILE B 329 -1.68 19.57 16.00
N PRO B 330 -1.41 19.80 14.71
CA PRO B 330 -2.49 20.26 13.83
C PRO B 330 -3.58 19.22 13.60
N LEU B 331 -3.25 17.93 13.69
CA LEU B 331 -4.27 16.90 13.45
C LEU B 331 -5.27 16.84 14.60
N LEU B 332 -4.78 16.86 15.84
CA LEU B 332 -5.63 16.78 17.00
C LEU B 332 -6.15 18.14 17.46
N GLY B 333 -5.65 19.22 16.90
CA GLY B 333 -6.10 20.56 17.28
C GLY B 333 -5.87 20.90 18.73
N VAL B 334 -4.71 20.52 19.27
CA VAL B 334 -4.40 20.76 20.68
C VAL B 334 -3.55 22.00 20.90
N HIS B 335 -3.24 22.73 19.84
CA HIS B 335 -2.50 23.98 19.99
C HIS B 335 -3.31 25.06 20.70
N GLU B 336 -4.61 24.87 20.87
CA GLU B 336 -5.46 25.89 21.48
C GLU B 336 -5.33 25.96 22.98
N VAL B 337 -4.67 24.99 23.62
CA VAL B 337 -4.54 25.03 25.08
C VAL B 337 -3.60 26.14 25.51
N VAL B 338 -2.50 26.34 24.78
CA VAL B 338 -1.52 27.35 25.18
C VAL B 338 -2.06 28.75 24.95
N PHE B 339 -2.71 29.00 23.80
CA PHE B 339 -3.23 30.33 23.52
C PHE B 339 -4.37 30.68 24.46
N ALA B 340 -5.29 29.75 24.69
CA ALA B 340 -6.42 29.97 25.60
C ALA B 340 -6.08 29.48 27.00
N PHE B 341 -5.04 30.11 27.57
CA PHE B 341 -4.64 29.80 28.94
C PHE B 341 -5.61 30.36 29.98
N VAL B 342 -6.58 31.17 29.57
CA VAL B 342 -7.54 31.78 30.47
C VAL B 342 -8.94 31.66 29.86
N THR B 343 -9.93 31.40 30.71
CA THR B 343 -11.31 31.37 30.26
C THR B 343 -11.70 32.71 29.67
N ASP B 344 -12.52 32.68 28.62
CA ASP B 344 -12.87 33.90 27.88
C ASP B 344 -13.54 34.95 28.76
N GLU B 345 -14.13 34.54 29.88
CA GLU B 345 -14.69 35.51 30.81
C GLU B 345 -13.58 36.37 31.40
N HIS B 346 -13.81 37.69 31.42
CA HIS B 346 -12.87 38.71 31.91
C HIS B 346 -11.45 38.48 31.39
N ALA B 347 -11.34 37.90 30.19
CA ALA B 347 -10.05 37.72 29.54
C ALA B 347 -9.78 38.84 28.53
N GLN B 348 -9.83 40.07 29.02
CA GLN B 348 -9.60 41.25 28.19
C GLN B 348 -8.64 42.19 28.91
N GLY B 349 -7.80 42.86 28.13
CA GLY B 349 -6.85 43.80 28.69
C GLY B 349 -5.59 43.97 27.84
N THR B 350 -4.43 43.92 28.48
CA THR B 350 -3.16 44.11 27.77
C THR B 350 -2.80 42.94 26.88
N LEU B 351 -3.52 41.82 26.98
CA LEU B 351 -3.23 40.64 26.16
C LEU B 351 -3.87 40.78 24.78
N ARG B 352 -3.60 41.88 24.09
CA ARG B 352 -4.16 42.14 22.77
C ARG B 352 -3.05 42.51 21.80
N SER B 353 -3.39 42.42 20.51
CA SER B 353 -2.52 42.79 19.39
C SER B 353 -1.34 41.83 19.25
N ALA B 354 -1.17 40.93 20.20
CA ALA B 354 -0.21 39.84 20.07
C ALA B 354 -0.82 38.49 20.37
N LYS B 355 -1.71 38.40 21.37
CA LYS B 355 -2.41 37.16 21.63
C LYS B 355 -3.52 36.91 20.62
N LEU B 356 -4.27 37.97 20.28
CA LEU B 356 -5.38 37.81 19.34
C LEU B 356 -4.87 37.59 17.92
N PHE B 357 -3.82 38.31 17.53
CA PHE B 357 -3.27 38.15 16.18
C PHE B 357 -2.74 36.73 15.98
N PHE B 358 -2.05 36.19 16.98
CA PHE B 358 -1.48 34.85 16.83
C PHE B 358 -2.56 33.78 16.90
N ASP B 359 -3.60 34.00 17.71
CA ASP B 359 -4.68 33.02 17.81
C ASP B 359 -5.47 32.95 16.51
N LEU B 360 -5.73 34.09 15.88
CA LEU B 360 -6.39 34.09 14.58
C LEU B 360 -5.48 33.56 13.49
N PHE B 361 -4.17 33.76 13.62
CA PHE B 361 -3.23 33.23 12.63
C PHE B 361 -3.22 31.71 12.64
N LEU B 362 -3.22 31.10 13.82
CA LEU B 362 -3.17 29.64 13.90
C LEU B 362 -4.47 29.01 13.44
N SER B 363 -5.62 29.59 13.80
CA SER B 363 -6.89 28.97 13.46
C SER B 363 -7.17 29.07 11.96
N SER B 364 -6.83 30.19 11.35
CA SER B 364 -7.11 30.37 9.93
C SER B 364 -6.16 29.57 9.04
N PHE B 365 -4.93 29.37 9.49
CA PHE B 365 -3.95 28.60 8.72
C PHE B 365 -3.92 27.12 9.11
N GLN B 366 -4.76 26.69 10.05
CA GLN B 366 -4.72 25.29 10.48
C GLN B 366 -5.21 24.36 9.37
N GLY B 367 -6.17 24.81 8.56
CA GLY B 367 -6.59 24.02 7.42
C GLY B 367 -5.51 23.84 6.39
N LEU B 368 -4.64 24.84 6.23
CA LEU B 368 -3.57 24.75 5.25
C LEU B 368 -2.55 23.68 5.61
N LEU B 369 -2.05 23.71 6.85
CA LEU B 369 -1.01 22.75 7.20
C LEU B 369 -1.55 21.37 7.55
N VAL B 370 -2.86 21.23 7.75
CA VAL B 370 -3.44 19.89 7.83
C VAL B 370 -3.42 19.23 6.45
N ALA B 371 -3.77 19.99 5.40
CA ALA B 371 -3.70 19.46 4.04
C ALA B 371 -2.27 19.29 3.57
N VAL B 372 -1.36 20.18 4.00
CA VAL B 372 0.04 20.07 3.60
C VAL B 372 0.69 18.85 4.25
N LEU B 373 0.48 18.66 5.55
CA LEU B 373 1.19 17.60 6.27
C LEU B 373 0.60 16.22 6.00
N TYR B 374 -0.69 16.12 5.74
CA TYR B 374 -1.36 14.83 5.62
C TYR B 374 -1.87 14.52 4.22
N CYS B 375 -1.65 15.42 3.25
CA CYS B 375 -2.00 15.13 1.86
C CYS B 375 -0.95 15.54 0.84
N PHE B 376 0.02 16.38 1.20
CA PHE B 376 1.07 16.78 0.27
C PHE B 376 2.45 16.26 0.65
N LEU B 377 2.76 16.25 1.94
CA LEU B 377 4.02 15.69 2.42
C LEU B 377 3.92 14.21 2.73
N ASN B 378 2.77 13.60 2.47
CA ASN B 378 2.61 12.17 2.70
C ASN B 378 3.44 11.38 1.70
N LYS B 379 4.17 10.37 2.18
CA LYS B 379 4.99 9.56 1.30
C LYS B 379 4.14 8.78 0.30
N GLU B 380 3.02 8.22 0.77
CA GLU B 380 2.17 7.42 -0.11
C GLU B 380 1.56 8.28 -1.22
N VAL B 381 1.16 9.50 -0.89
CA VAL B 381 0.60 10.39 -1.91
C VAL B 381 1.66 10.79 -2.91
N GLN B 382 2.88 11.08 -2.43
CA GLN B 382 3.95 11.47 -3.34
C GLN B 382 4.35 10.33 -4.26
N SER B 383 4.41 9.10 -3.73
CA SER B 383 4.74 7.96 -4.57
C SER B 383 3.66 7.71 -5.62
N GLU B 384 2.39 7.85 -5.24
CA GLU B 384 1.30 7.68 -6.19
C GLU B 384 1.37 8.74 -7.30
N LEU B 385 1.71 9.98 -6.94
CA LEU B 385 1.80 11.03 -7.94
C LEU B 385 2.95 10.78 -8.90
N ARG B 386 4.10 10.32 -8.39
CA ARG B 386 5.22 9.98 -9.26
C ARG B 386 4.87 8.84 -10.21
N ARG B 387 4.18 7.82 -9.71
CA ARG B 387 3.76 6.72 -10.57
C ARG B 387 2.77 7.21 -11.63
N ARG B 388 1.81 8.05 -11.24
CA ARG B 388 0.87 8.59 -12.21
C ARG B 388 1.52 9.58 -13.17
N TRP B 389 2.63 10.20 -12.76
CA TRP B 389 3.33 11.11 -13.66
C TRP B 389 4.06 10.36 -14.77
N HIS B 390 4.75 9.28 -14.41
CA HIS B 390 5.45 8.48 -15.42
C HIS B 390 4.50 7.76 -16.35
N ARG B 391 3.34 7.34 -15.84
CA ARG B 391 2.35 6.69 -16.69
C ARG B 391 1.85 7.62 -17.77
N TRP B 392 1.59 8.88 -17.42
CA TRP B 392 1.08 9.83 -18.41
C TRP B 392 2.13 10.15 -19.46
N ARG B 393 3.40 10.22 -19.08
CA ARG B 393 4.48 10.60 -19.99
C ARG B 393 4.88 9.41 -20.87
N LEU B 394 3.89 8.87 -21.57
CA LEU B 394 4.05 7.76 -22.50
C LEU B 394 3.36 8.06 -23.81
N GLY B 395 3.20 9.34 -24.13
CA GLY B 395 2.54 9.75 -25.35
C GLY B 395 1.24 10.49 -25.11
N THR C 9 -37.26 -10.05 -23.60
CA THR C 9 -37.10 -9.01 -22.60
C THR C 9 -37.56 -9.50 -21.23
N GLU C 10 -38.66 -10.26 -21.21
CA GLU C 10 -39.15 -10.81 -19.95
C GLU C 10 -38.16 -11.78 -19.34
N ASP C 11 -37.53 -12.62 -20.17
CA ASP C 11 -36.56 -13.58 -19.66
C ASP C 11 -35.34 -12.88 -19.07
N GLN C 12 -34.87 -11.81 -19.73
CA GLN C 12 -33.74 -11.05 -19.21
C GLN C 12 -34.11 -10.25 -17.97
N ARG C 13 -35.40 -9.98 -17.76
CA ARG C 13 -35.81 -9.26 -16.55
C ARG C 13 -35.61 -10.13 -15.31
N ASN C 14 -36.05 -11.39 -15.36
CA ASN C 14 -35.91 -12.27 -14.21
C ASN C 14 -34.48 -12.79 -14.05
N GLU C 15 -33.78 -13.02 -15.16
CA GLU C 15 -32.39 -13.48 -15.07
C GLU C 15 -31.51 -12.44 -14.43
N GLU C 16 -31.67 -11.16 -14.81
CA GLU C 16 -30.93 -10.10 -14.17
C GLU C 16 -31.38 -9.91 -12.72
N LYS C 17 -32.68 -10.07 -12.45
CA LYS C 17 -33.16 -9.99 -11.09
C LYS C 17 -32.61 -11.12 -10.23
N ALA C 18 -32.54 -12.33 -10.78
CA ALA C 18 -31.99 -13.46 -10.03
C ALA C 18 -30.49 -13.33 -9.88
N GLN C 19 -29.79 -12.88 -10.93
CA GLN C 19 -28.34 -12.76 -10.85
C GLN C 19 -27.93 -11.65 -9.88
N ARG C 20 -28.67 -10.54 -9.86
CA ARG C 20 -28.37 -9.49 -8.90
C ARG C 20 -28.66 -9.93 -7.47
N GLU C 21 -29.59 -10.85 -7.27
CA GLU C 21 -29.88 -11.36 -5.94
C GLU C 21 -28.82 -12.35 -5.48
N ALA C 22 -28.31 -13.17 -6.39
CA ALA C 22 -27.24 -14.11 -6.05
C ALA C 22 -25.96 -13.38 -5.69
N ASN C 23 -25.63 -12.31 -6.42
CA ASN C 23 -24.47 -11.50 -6.08
C ASN C 23 -24.64 -10.85 -4.71
N LYS C 24 -25.86 -10.39 -4.40
CA LYS C 24 -26.12 -9.75 -3.12
C LYS C 24 -25.89 -10.71 -1.96
N LYS C 25 -26.34 -11.97 -2.10
CA LYS C 25 -26.11 -12.96 -1.06
C LYS C 25 -24.62 -13.24 -0.88
N ILE C 26 -23.88 -13.31 -1.99
CA ILE C 26 -22.45 -13.60 -1.92
C ILE C 26 -21.71 -12.48 -1.22
N GLU C 27 -22.04 -11.22 -1.53
CA GLU C 27 -21.37 -10.09 -0.89
C GLU C 27 -21.68 -10.01 0.59
N LYS C 28 -22.82 -10.55 1.02
CA LYS C 28 -23.11 -10.62 2.46
C LYS C 28 -22.17 -11.57 3.16
N GLN C 29 -21.84 -12.70 2.52
CA GLN C 29 -20.87 -13.62 3.10
C GLN C 29 -19.46 -13.07 3.00
N LEU C 30 -19.14 -12.37 1.90
CA LEU C 30 -17.80 -11.85 1.71
C LEU C 30 -17.45 -10.77 2.73
N GLN C 31 -18.44 -10.01 3.19
CA GLN C 31 -18.19 -9.06 4.27
C GLN C 31 -18.14 -9.75 5.63
N LYS C 32 -18.85 -10.88 5.79
CA LYS C 32 -18.85 -11.58 7.06
C LYS C 32 -17.50 -12.23 7.33
N ASP C 33 -16.88 -12.82 6.32
CA ASP C 33 -15.58 -13.45 6.47
C ASP C 33 -14.42 -12.53 6.14
N LYS C 34 -14.68 -11.31 5.70
CA LYS C 34 -13.64 -10.29 5.67
C LYS C 34 -13.29 -9.84 7.08
N GLN C 35 -14.28 -9.80 7.98
CA GLN C 35 -14.02 -9.45 9.36
C GLN C 35 -13.13 -10.48 10.04
N VAL C 36 -13.35 -11.76 9.77
CA VAL C 36 -12.52 -12.81 10.34
C VAL C 36 -11.11 -12.75 9.76
N TYR C 37 -11.00 -12.43 8.47
CA TYR C 37 -9.68 -12.36 7.83
C TYR C 37 -8.84 -11.24 8.42
N ARG C 38 -9.44 -10.06 8.64
CA ARG C 38 -8.68 -8.92 9.13
C ARG C 38 -8.28 -9.09 10.60
N ALA C 39 -9.11 -9.74 11.40
CA ALA C 39 -8.87 -9.89 12.83
C ALA C 39 -7.98 -11.08 13.18
N THR C 40 -7.49 -11.81 12.18
CA THR C 40 -6.68 -13.01 12.40
C THR C 40 -5.24 -12.72 11.98
N HIS C 41 -4.29 -13.09 12.84
CA HIS C 41 -2.88 -12.99 12.52
C HIS C 41 -2.42 -14.27 11.83
N ARG C 42 -1.78 -14.11 10.68
CA ARG C 42 -1.20 -15.23 9.94
C ARG C 42 0.30 -15.22 10.11
N LEU C 43 0.86 -16.35 10.50
CA LEU C 43 2.28 -16.48 10.79
C LEU C 43 2.87 -17.61 9.95
N LEU C 44 4.13 -17.45 9.57
CA LEU C 44 4.88 -18.50 8.89
C LEU C 44 5.93 -19.03 9.86
N LEU C 45 5.82 -20.31 10.20
CA LEU C 45 6.82 -20.98 11.03
C LEU C 45 7.85 -21.59 10.11
N LEU C 46 9.07 -21.06 10.15
CA LEU C 46 10.13 -21.48 9.25
C LEU C 46 11.35 -21.88 10.05
N GLY C 47 11.98 -22.98 9.64
CA GLY C 47 13.22 -23.42 10.27
C GLY C 47 14.22 -23.85 9.22
N ALA C 48 15.50 -23.57 9.45
CA ALA C 48 16.53 -23.96 8.50
C ALA C 48 16.78 -25.46 8.52
N GLY C 49 16.34 -26.16 9.56
CA GLY C 49 16.50 -27.59 9.68
C GLY C 49 15.60 -28.15 10.76
N GLU C 50 16.13 -29.08 11.56
CA GLU C 50 15.36 -29.59 12.69
C GLU C 50 15.15 -28.50 13.73
N SER C 51 16.25 -28.03 14.35
CA SER C 51 16.26 -26.83 15.19
C SER C 51 15.22 -26.85 16.30
N GLY C 52 14.65 -28.01 16.59
CA GLY C 52 13.55 -28.06 17.54
C GLY C 52 12.37 -27.20 17.14
N LYS C 53 12.05 -27.16 15.85
CA LYS C 53 10.96 -26.32 15.38
C LYS C 53 9.63 -26.76 15.97
N ASN C 54 9.40 -28.07 16.06
CA ASN C 54 8.15 -28.58 16.60
C ASN C 54 8.20 -28.62 18.12
N THR C 55 8.58 -27.50 18.74
CA THR C 55 8.54 -27.36 20.19
C THR C 55 7.83 -26.06 20.53
N ILE C 56 7.94 -25.07 19.66
CA ILE C 56 7.18 -23.83 19.84
C ILE C 56 5.69 -24.10 19.71
N VAL C 57 5.29 -24.89 18.71
CA VAL C 57 3.88 -25.22 18.53
C VAL C 57 3.37 -26.05 19.69
N LYS C 58 4.13 -27.05 20.10
CA LYS C 58 3.72 -27.93 21.19
C LYS C 58 3.83 -27.21 22.54
N ILE C 207 1.01 -30.43 10.73
CA ILE C 207 2.00 -30.54 9.67
C ILE C 207 1.99 -29.29 8.81
N PHE C 208 0.81 -28.69 8.65
CA PHE C 208 0.66 -27.53 7.80
C PHE C 208 -0.19 -26.43 8.40
N GLU C 209 -0.73 -26.60 9.60
CA GLU C 209 -1.69 -25.64 10.13
C GLU C 209 -1.86 -25.87 11.62
N THR C 210 -1.87 -24.77 12.39
CA THR C 210 -2.13 -24.83 13.82
C THR C 210 -2.71 -23.49 14.25
N LYS C 211 -3.88 -23.53 14.88
CA LYS C 211 -4.57 -22.33 15.32
C LYS C 211 -4.51 -22.23 16.84
N PHE C 212 -4.15 -21.05 17.35
CA PHE C 212 -4.16 -20.78 18.78
C PHE C 212 -4.66 -19.36 18.99
N GLN C 213 -4.88 -19.01 20.26
CA GLN C 213 -5.52 -17.75 20.60
C GLN C 213 -4.95 -17.21 21.91
N VAL C 214 -4.57 -15.93 21.90
CA VAL C 214 -4.05 -15.25 23.08
C VAL C 214 -4.85 -13.98 23.27
N ASP C 215 -5.45 -13.83 24.45
CA ASP C 215 -6.22 -12.63 24.82
C ASP C 215 -7.29 -12.33 23.77
N LYS C 216 -8.00 -13.37 23.37
CA LYS C 216 -9.09 -13.27 22.39
C LYS C 216 -8.61 -12.75 21.05
N VAL C 217 -7.36 -13.01 20.70
CA VAL C 217 -6.80 -12.70 19.39
C VAL C 217 -6.41 -14.02 18.73
N ASN C 218 -6.90 -14.25 17.52
CA ASN C 218 -6.67 -15.51 16.82
C ASN C 218 -5.37 -15.44 16.01
N PHE C 219 -4.56 -16.48 16.13
CA PHE C 219 -3.32 -16.61 15.38
C PHE C 219 -3.42 -17.81 14.46
N HIS C 220 -2.77 -17.71 13.30
CA HIS C 220 -2.87 -18.70 12.23
C HIS C 220 -1.47 -19.06 11.77
N MET C 221 -0.85 -20.04 12.42
CA MET C 221 0.52 -20.41 12.13
C MET C 221 0.57 -21.54 11.11
N PHE C 222 1.44 -21.39 10.11
CA PHE C 222 1.53 -22.33 8.98
C PHE C 222 2.93 -22.90 8.92
N ASP C 223 3.09 -24.13 9.37
CA ASP C 223 4.33 -24.87 9.18
C ASP C 223 4.39 -25.40 7.75
N VAL C 224 5.61 -25.56 7.25
CA VAL C 224 5.84 -26.05 5.89
C VAL C 224 6.16 -27.53 5.96
N GLY C 225 5.39 -28.34 5.26
CA GLY C 225 5.51 -29.78 5.35
C GLY C 225 6.28 -30.43 4.22
N ALA C 226 5.56 -31.00 3.26
CA ALA C 226 6.15 -31.82 2.21
C ALA C 226 6.84 -30.99 1.13
N GLN C 227 7.04 -29.69 1.35
CA GLN C 227 7.71 -28.87 0.35
C GLN C 227 9.21 -29.17 0.33
N ARG C 228 9.83 -28.95 -0.83
CA ARG C 228 11.27 -29.13 -0.99
C ARG C 228 12.01 -27.97 -0.34
N ASP C 229 13.35 -28.08 -0.33
CA ASP C 229 14.20 -27.06 0.26
C ASP C 229 14.51 -25.92 -0.70
N GLU C 230 13.90 -25.92 -1.89
CA GLU C 230 14.02 -24.82 -2.84
C GLU C 230 12.92 -23.81 -2.50
N ARG C 231 13.24 -22.90 -1.58
CA ARG C 231 12.27 -21.98 -1.03
C ARG C 231 12.04 -20.73 -1.86
N ARG C 232 12.76 -20.57 -2.98
CA ARG C 232 12.76 -19.30 -3.68
C ARG C 232 11.41 -18.98 -4.31
N LYS C 233 10.52 -19.96 -4.43
CA LYS C 233 9.26 -19.79 -5.15
C LYS C 233 8.04 -19.81 -4.24
N TRP C 234 7.90 -20.82 -3.38
CA TRP C 234 6.73 -20.88 -2.53
C TRP C 234 6.80 -19.94 -1.34
N ILE C 235 7.94 -19.27 -1.11
CA ILE C 235 8.03 -18.33 0.00
C ILE C 235 7.43 -16.98 -0.35
N GLN C 236 7.16 -16.71 -1.63
CA GLN C 236 6.51 -15.47 -2.01
C GLN C 236 5.05 -15.45 -1.62
N CYS C 237 4.45 -16.62 -1.35
CA CYS C 237 3.07 -16.68 -0.89
C CYS C 237 2.90 -16.03 0.47
N PHE C 238 3.96 -15.95 1.26
CA PHE C 238 3.89 -15.48 2.64
C PHE C 238 4.44 -14.06 2.81
N ASN C 239 4.24 -13.21 1.81
CA ASN C 239 4.71 -11.83 1.92
C ASN C 239 3.75 -10.94 2.68
N ASP C 240 2.51 -11.39 2.90
CA ASP C 240 1.50 -10.61 3.58
C ASP C 240 1.20 -11.13 4.98
N VAL C 241 1.96 -12.11 5.47
CA VAL C 241 1.78 -12.56 6.84
C VAL C 241 2.23 -11.46 7.80
N THR C 242 1.74 -11.55 9.04
CA THR C 242 2.13 -10.58 10.04
C THR C 242 3.62 -10.65 10.31
N ALA C 243 4.12 -11.85 10.60
CA ALA C 243 5.54 -12.04 10.87
C ALA C 243 5.94 -13.44 10.46
N ILE C 244 7.23 -13.62 10.24
CA ILE C 244 7.82 -14.93 9.98
C ILE C 244 8.54 -15.37 11.25
N ILE C 245 8.12 -16.48 11.83
CA ILE C 245 8.81 -17.03 13.00
C ILE C 245 9.98 -17.86 12.49
N PHE C 246 11.19 -17.37 12.70
CA PHE C 246 12.40 -18.03 12.23
C PHE C 246 13.05 -18.71 13.43
N VAL C 247 13.18 -20.03 13.35
CA VAL C 247 13.65 -20.84 14.47
C VAL C 247 15.05 -21.34 14.16
N VAL C 248 15.99 -21.06 15.05
CA VAL C 248 17.40 -21.38 14.86
C VAL C 248 17.86 -22.26 16.02
N ALA C 249 18.59 -23.32 15.70
CA ALA C 249 19.27 -24.13 16.71
C ALA C 249 20.61 -23.47 17.01
N SER C 250 20.67 -22.74 18.12
CA SER C 250 21.86 -21.97 18.47
C SER C 250 23.07 -22.84 18.79
N SER C 251 22.87 -24.14 19.00
CA SER C 251 23.98 -25.04 19.32
C SER C 251 24.49 -25.73 18.06
N SER C 252 25.03 -24.93 17.15
CA SER C 252 25.60 -25.43 15.90
C SER C 252 26.55 -24.41 15.28
N THR C 263 28.12 -29.56 10.12
CA THR C 263 28.30 -28.91 8.83
C THR C 263 28.08 -27.41 8.93
N ASN C 264 28.23 -26.87 10.14
CA ASN C 264 28.06 -25.45 10.43
C ASN C 264 26.65 -24.98 10.02
N ARG C 265 25.67 -25.54 10.73
CA ARG C 265 24.27 -25.19 10.50
C ARG C 265 23.94 -23.78 10.94
N LEU C 266 24.81 -23.13 11.71
CA LEU C 266 24.55 -21.75 12.13
C LEU C 266 24.76 -20.76 10.99
N GLN C 267 25.79 -20.97 10.17
CA GLN C 267 25.99 -20.11 9.02
C GLN C 267 24.89 -20.31 7.98
N ALA C 268 24.39 -21.54 7.84
CA ALA C 268 23.29 -21.79 6.92
C ALA C 268 22.04 -21.03 7.34
N ALA C 269 21.76 -20.99 8.63
CA ALA C 269 20.64 -20.19 9.13
C ALA C 269 20.89 -18.70 8.93
N LEU C 270 22.14 -18.26 9.04
CA LEU C 270 22.46 -16.86 8.79
C LEU C 270 22.27 -16.50 7.32
N LYS C 271 22.67 -17.39 6.41
CA LYS C 271 22.50 -17.11 4.99
C LYS C 271 21.03 -17.13 4.59
N LEU C 272 20.24 -18.04 5.18
CA LEU C 272 18.82 -18.08 4.90
C LEU C 272 18.10 -16.84 5.40
N PHE C 273 18.46 -16.37 6.60
CA PHE C 273 17.89 -15.13 7.11
C PHE C 273 18.27 -13.95 6.23
N ASP C 274 19.47 -13.98 5.65
CA ASP C 274 19.89 -12.90 4.75
C ASP C 274 19.03 -12.84 3.50
N SER C 275 18.67 -14.00 2.95
CA SER C 275 17.84 -14.04 1.75
C SER C 275 16.42 -13.56 2.04
N ILE C 276 15.84 -14.01 3.16
CA ILE C 276 14.49 -13.59 3.52
C ILE C 276 14.45 -12.10 3.77
N TRP C 277 15.43 -11.57 4.50
CA TRP C 277 15.44 -10.16 4.85
C TRP C 277 15.53 -9.28 3.62
N ASN C 278 16.35 -9.67 2.65
CA ASN C 278 16.65 -8.87 1.47
C ASN C 278 15.78 -9.21 0.28
N ASN C 279 14.83 -10.13 0.41
CA ASN C 279 13.99 -10.51 -0.72
C ASN C 279 13.09 -9.35 -1.14
N LYS C 280 12.79 -9.30 -2.43
CA LYS C 280 12.05 -8.18 -3.00
C LYS C 280 10.64 -8.08 -2.40
N TRP C 281 10.01 -9.23 -2.17
CA TRP C 281 8.63 -9.26 -1.69
C TRP C 281 8.54 -9.40 -0.18
N LEU C 282 9.61 -9.78 0.49
CA LEU C 282 9.63 -9.95 1.94
C LEU C 282 10.31 -8.78 2.65
N ARG C 283 10.30 -7.60 2.04
CA ARG C 283 10.89 -6.41 2.64
C ARG C 283 9.93 -5.66 3.54
N ASP C 284 8.65 -6.02 3.55
CA ASP C 284 7.69 -5.44 4.47
C ASP C 284 7.31 -6.39 5.58
N THR C 285 7.83 -7.61 5.57
CA THR C 285 7.45 -8.66 6.51
C THR C 285 8.48 -8.74 7.63
N SER C 286 8.02 -8.62 8.86
CA SER C 286 8.91 -8.71 10.01
C SER C 286 9.24 -10.17 10.30
N VAL C 287 10.30 -10.37 11.08
CA VAL C 287 10.77 -11.70 11.44
C VAL C 287 10.86 -11.78 12.95
N ILE C 288 10.29 -12.83 13.53
CA ILE C 288 10.47 -13.14 14.95
C ILE C 288 11.48 -14.26 15.06
N LEU C 289 12.63 -13.96 15.67
CA LEU C 289 13.76 -14.88 15.69
C LEU C 289 13.78 -15.61 17.03
N PHE C 290 13.65 -16.93 16.98
CA PHE C 290 13.76 -17.78 18.16
C PHE C 290 15.09 -18.54 18.08
N LEU C 291 15.91 -18.40 19.10
CA LEU C 291 17.23 -19.03 19.16
C LEU C 291 17.14 -20.16 20.18
N ASN C 292 16.88 -21.37 19.68
CA ASN C 292 16.65 -22.53 20.53
C ASN C 292 17.97 -23.11 21.04
N LYS C 293 17.89 -24.28 21.65
CA LYS C 293 19.06 -25.03 22.10
C LYS C 293 19.94 -24.22 23.03
N GLN C 294 19.31 -23.40 23.87
CA GLN C 294 20.07 -22.61 24.85
C GLN C 294 20.76 -23.51 25.86
N ASP C 295 20.08 -24.56 26.33
CA ASP C 295 20.72 -25.51 27.23
C ASP C 295 21.86 -26.23 26.56
N LEU C 296 21.67 -26.66 25.31
CA LEU C 296 22.75 -27.35 24.59
C LEU C 296 23.91 -26.43 24.28
N LEU C 297 23.64 -25.15 24.03
CA LEU C 297 24.73 -24.19 23.82
C LEU C 297 25.55 -24.01 25.08
N ALA C 298 24.89 -23.97 26.24
CA ALA C 298 25.62 -23.82 27.50
C ALA C 298 26.54 -25.01 27.76
N GLU C 299 26.07 -26.22 27.46
CA GLU C 299 26.88 -27.41 27.69
C GLU C 299 28.11 -27.41 26.80
N LYS C 300 27.96 -27.02 25.53
CA LYS C 300 29.08 -27.10 24.59
C LYS C 300 30.20 -26.14 24.96
N VAL C 301 29.86 -24.89 25.30
CA VAL C 301 30.89 -23.91 25.61
C VAL C 301 31.61 -24.26 26.90
N LEU C 302 30.89 -24.78 27.90
CA LEU C 302 31.52 -25.20 29.14
C LEU C 302 32.46 -26.38 28.89
N ALA C 303 32.02 -27.36 28.09
CA ALA C 303 32.86 -28.51 27.81
C ALA C 303 34.08 -28.11 26.98
N GLY C 304 33.90 -27.22 26.01
CA GLY C 304 35.00 -26.77 25.17
C GLY C 304 35.25 -25.29 25.23
N ILE C 308 31.83 -23.12 18.62
CA ILE C 308 31.59 -22.02 17.69
C ILE C 308 32.80 -21.11 17.62
N GLU C 309 33.84 -21.45 18.38
CA GLU C 309 35.06 -20.65 18.35
C GLU C 309 35.75 -20.76 17.00
N ASP C 310 35.83 -21.98 16.43
CA ASP C 310 36.48 -22.17 15.15
C ASP C 310 35.61 -21.69 13.99
N TYR C 311 34.30 -21.90 14.09
CA TYR C 311 33.40 -21.53 13.00
C TYR C 311 33.36 -20.02 12.80
N PHE C 312 33.43 -19.26 13.89
CA PHE C 312 33.42 -17.79 13.82
C PHE C 312 34.71 -17.24 14.42
N PRO C 313 35.69 -16.89 13.58
CA PRO C 313 36.98 -16.42 14.13
C PRO C 313 36.89 -15.12 14.89
N GLU C 314 35.81 -14.36 14.70
CA GLU C 314 35.63 -13.10 15.42
C GLU C 314 35.03 -13.29 16.81
N PHE C 315 34.80 -14.54 17.23
CA PHE C 315 34.22 -14.77 18.55
C PHE C 315 35.17 -14.30 19.66
N ALA C 316 36.46 -14.60 19.54
CA ALA C 316 37.38 -14.15 20.57
C ALA C 316 37.81 -12.71 20.33
N ARG C 317 36.82 -11.86 20.03
CA ARG C 317 36.97 -10.42 19.99
C ARG C 317 35.72 -9.73 20.49
N TYR C 318 34.72 -10.47 20.95
CA TYR C 318 33.39 -9.96 21.25
C TYR C 318 33.21 -9.85 22.75
N THR C 319 32.77 -8.68 23.20
CA THR C 319 32.46 -8.44 24.60
C THR C 319 30.95 -8.41 24.79
N THR C 320 30.48 -9.00 25.87
CA THR C 320 29.06 -9.03 26.15
C THR C 320 28.51 -7.61 26.25
N PRO C 321 27.43 -7.28 25.55
CA PRO C 321 26.95 -5.90 25.54
C PRO C 321 26.48 -5.47 26.92
N GLU C 322 26.57 -4.15 27.16
CA GLU C 322 26.18 -3.61 28.46
C GLU C 322 24.71 -3.85 28.74
N ASP C 323 23.85 -3.67 27.73
CA ASP C 323 22.42 -3.88 27.87
C ASP C 323 22.07 -5.35 27.61
N ALA C 324 22.63 -6.22 28.43
CA ALA C 324 22.41 -7.65 28.34
C ALA C 324 21.89 -8.18 29.67
N THR C 325 20.89 -9.03 29.61
CA THR C 325 20.32 -9.61 30.82
C THR C 325 21.33 -10.56 31.46
N PRO C 326 21.64 -10.40 32.75
CA PRO C 326 22.60 -11.32 33.39
C PRO C 326 22.18 -12.78 33.34
N GLU C 327 20.86 -13.05 33.38
CA GLU C 327 20.31 -14.40 33.38
C GLU C 327 20.94 -15.21 34.51
N PRO C 328 20.54 -14.97 35.76
CA PRO C 328 21.17 -15.69 36.88
C PRO C 328 20.98 -17.19 36.75
N GLY C 329 22.02 -17.93 37.12
CA GLY C 329 22.05 -19.37 36.97
C GLY C 329 22.95 -19.88 35.86
N GLU C 330 23.68 -19.00 35.17
CA GLU C 330 24.61 -19.41 34.13
C GLU C 330 25.86 -18.55 34.23
N ASP C 331 27.00 -19.14 33.87
CA ASP C 331 28.25 -18.41 33.88
C ASP C 331 28.31 -17.46 32.69
N PRO C 332 29.11 -16.39 32.79
CA PRO C 332 29.15 -15.38 31.70
C PRO C 332 29.65 -15.94 30.38
N ARG C 333 30.30 -17.10 30.35
CA ARG C 333 30.75 -17.66 29.09
C ARG C 333 29.58 -17.98 28.18
N VAL C 334 28.49 -18.53 28.73
CA VAL C 334 27.32 -18.82 27.93
C VAL C 334 26.66 -17.53 27.46
N THR C 335 26.57 -16.53 28.35
CA THR C 335 25.94 -15.27 27.98
C THR C 335 26.70 -14.58 26.84
N ARG C 336 28.02 -14.59 26.90
CA ARG C 336 28.81 -14.00 25.81
C ARG C 336 28.62 -14.76 24.51
N ALA C 337 28.53 -16.09 24.58
CA ALA C 337 28.40 -16.89 23.36
C ALA C 337 27.02 -16.72 22.74
N LYS C 338 25.96 -16.72 23.55
CA LYS C 338 24.61 -16.65 23.00
C LYS C 338 24.25 -15.25 22.54
N TYR C 339 24.86 -14.21 23.13
CA TYR C 339 24.64 -12.86 22.64
C TYR C 339 25.44 -12.58 21.38
N PHE C 340 26.56 -13.27 21.19
CA PHE C 340 27.29 -13.16 19.93
C PHE C 340 26.46 -13.65 18.77
N ILE C 341 25.75 -14.77 18.95
CA ILE C 341 24.92 -15.33 17.89
C ILE C 341 23.73 -14.43 17.61
N ARG C 342 23.15 -13.83 18.65
CA ARG C 342 22.03 -12.91 18.44
C ARG C 342 22.47 -11.69 17.65
N ASP C 343 23.70 -11.20 17.89
CA ASP C 343 24.20 -10.04 17.18
C ASP C 343 24.57 -10.36 15.73
N GLU C 344 24.80 -11.63 15.40
CA GLU C 344 25.02 -12.01 14.02
C GLU C 344 23.77 -11.79 13.18
N PHE C 345 22.60 -12.12 13.72
CA PHE C 345 21.35 -11.89 13.01
C PHE C 345 20.94 -10.42 13.05
N LEU C 346 21.28 -9.70 14.11
CA LEU C 346 21.01 -8.27 14.17
C LEU C 346 21.96 -7.46 13.32
N ARG C 347 23.11 -8.03 12.94
CA ARG C 347 23.97 -7.40 11.96
C ARG C 347 23.30 -7.36 10.59
N ILE C 348 22.71 -8.49 10.19
CA ILE C 348 21.95 -8.53 8.94
C ILE C 348 20.70 -7.69 9.05
N SER C 349 20.00 -7.77 10.17
CA SER C 349 18.72 -7.09 10.33
C SER C 349 18.87 -5.58 10.28
N THR C 350 20.02 -5.05 10.71
CA THR C 350 20.22 -3.61 10.78
C THR C 350 21.04 -3.05 9.62
N ALA C 351 21.83 -3.88 8.96
CA ALA C 351 22.59 -3.44 7.78
C ALA C 351 21.75 -3.40 6.52
N SER C 352 20.43 -3.49 6.64
CA SER C 352 19.53 -3.53 5.49
C SER C 352 18.33 -2.67 5.85
N GLY C 353 17.25 -2.82 5.07
CA GLY C 353 16.07 -1.98 5.21
C GLY C 353 15.53 -1.86 6.61
N ASP C 354 15.23 -0.62 7.02
CA ASP C 354 14.75 -0.32 8.36
C ASP C 354 13.46 0.49 8.27
N GLY C 355 12.62 0.33 9.29
CA GLY C 355 11.33 0.99 9.34
C GLY C 355 10.20 0.19 8.74
N ARG C 356 10.43 -0.43 7.59
CA ARG C 356 9.41 -1.24 6.95
C ARG C 356 9.22 -2.58 7.64
N HIS C 357 10.32 -3.24 8.02
CA HIS C 357 10.24 -4.52 8.71
C HIS C 357 11.29 -4.55 9.82
N TYR C 358 11.04 -5.41 10.81
CA TYR C 358 11.80 -5.44 12.04
C TYR C 358 12.11 -6.87 12.42
N CYS C 359 13.14 -7.04 13.24
CA CYS C 359 13.53 -8.35 13.76
C CYS C 359 13.37 -8.37 15.27
N TYR C 360 12.79 -9.44 15.79
CA TYR C 360 12.52 -9.61 17.22
C TYR C 360 13.23 -10.87 17.69
N PRO C 361 14.46 -10.77 18.19
CA PRO C 361 15.17 -11.97 18.64
C PRO C 361 14.78 -12.35 20.07
N HIS C 362 14.54 -13.65 20.26
CA HIS C 362 14.20 -14.20 21.56
C HIS C 362 15.09 -15.39 21.87
N PHE C 363 15.44 -15.53 23.16
CA PHE C 363 16.26 -16.64 23.63
C PHE C 363 15.36 -17.76 24.17
N THR C 364 14.65 -18.40 23.26
CA THR C 364 13.74 -19.47 23.65
C THR C 364 14.52 -20.71 24.03
N CYS C 365 13.85 -21.59 24.77
CA CYS C 365 14.44 -22.86 25.18
C CYS C 365 13.34 -23.92 25.23
N ALA C 366 13.74 -25.18 25.14
CA ALA C 366 12.80 -26.29 25.08
C ALA C 366 12.40 -26.78 26.47
N VAL C 367 11.92 -25.87 27.31
CA VAL C 367 11.43 -26.19 28.64
C VAL C 367 10.01 -25.67 28.86
N ASP C 368 9.76 -24.42 28.48
CA ASP C 368 8.45 -23.80 28.65
C ASP C 368 7.93 -23.32 27.31
N THR C 369 6.61 -23.43 27.14
CA THR C 369 5.93 -23.02 25.92
C THR C 369 5.28 -21.64 26.07
N GLU C 370 5.93 -20.75 26.81
CA GLU C 370 5.45 -19.38 26.97
C GLU C 370 5.84 -18.50 25.79
N ASN C 371 6.43 -19.06 24.75
CA ASN C 371 6.74 -18.30 23.54
C ASN C 371 5.49 -17.80 22.84
N ILE C 372 4.32 -18.37 23.18
CA ILE C 372 3.07 -17.92 22.59
C ILE C 372 2.78 -16.49 23.03
N ARG C 373 3.15 -16.14 24.26
CA ARG C 373 3.01 -14.76 24.73
C ARG C 373 3.95 -13.83 23.98
N ARG C 374 5.17 -14.28 23.70
CA ARG C 374 6.14 -13.44 23.00
C ARG C 374 5.70 -13.17 21.56
N VAL C 375 5.09 -14.16 20.91
CA VAL C 375 4.56 -13.95 19.57
C VAL C 375 3.42 -12.96 19.59
N PHE C 376 2.57 -13.02 20.62
CA PHE C 376 1.49 -12.05 20.76
C PHE C 376 2.02 -10.64 20.94
N ASN C 377 3.01 -10.48 21.80
CA ASN C 377 3.57 -9.15 22.07
C ASN C 377 4.24 -8.57 20.83
N ASP C 378 4.98 -9.40 20.09
CA ASP C 378 5.65 -8.91 18.88
C ASP C 378 4.65 -8.62 17.78
N CYS C 379 3.56 -9.38 17.69
CA CYS C 379 2.54 -9.11 16.69
C CYS C 379 1.78 -7.83 17.00
N ARG C 380 1.55 -7.55 18.28
CA ARG C 380 0.97 -6.26 18.66
C ARG C 380 1.91 -5.11 18.32
N ASP C 381 3.21 -5.31 18.56
CA ASP C 381 4.20 -4.29 18.23
C ASP C 381 4.25 -4.04 16.72
N ILE C 382 4.17 -5.11 15.93
CA ILE C 382 4.20 -4.97 14.47
C ILE C 382 3.01 -4.16 13.98
N ILE C 383 1.82 -4.45 14.51
CA ILE C 383 0.62 -3.74 14.08
C ILE C 383 0.68 -2.27 14.49
N GLN C 384 1.13 -2.00 15.72
CA GLN C 384 1.24 -0.62 16.18
C GLN C 384 2.24 0.17 15.35
N ARG C 385 3.39 -0.43 15.03
CA ARG C 385 4.37 0.24 14.19
C ARG C 385 3.83 0.48 12.79
N MET C 386 2.99 -0.42 12.28
CA MET C 386 2.37 -0.22 10.98
C MET C 386 1.40 0.96 11.00
N HIS C 387 0.59 1.07 12.06
CA HIS C 387 -0.35 2.17 12.16
C HIS C 387 0.37 3.51 12.29
N LEU C 388 1.40 3.56 13.14
CA LEU C 388 2.20 4.78 13.26
C LEU C 388 2.92 5.12 11.97
N ARG C 389 3.35 4.09 11.23
CA ARG C 389 4.02 4.31 9.96
C ARG C 389 3.08 4.92 8.93
N GLN C 390 1.81 4.50 8.94
CA GLN C 390 0.84 5.05 7.99
C GLN C 390 0.55 6.52 8.27
N TYR C 391 0.53 6.92 9.54
CA TYR C 391 0.32 8.31 9.92
C TYR C 391 1.61 9.13 9.89
N GLU C 392 2.69 8.55 9.39
CA GLU C 392 4.00 9.21 9.29
C GLU C 392 4.53 9.61 10.66
N LEU C 393 4.12 8.89 11.70
CA LEU C 393 4.61 9.12 13.05
C LEU C 393 5.85 8.29 13.36
N LEU C 394 6.30 7.47 12.43
CA LEU C 394 7.54 6.70 12.58
C LEU C 394 8.22 6.55 11.23
N SER D 7 34.73 -46.22 -13.20
CA SER D 7 34.85 -45.14 -14.15
C SER D 7 33.66 -45.11 -15.10
N GLU D 8 32.52 -44.65 -14.60
CA GLU D 8 31.30 -44.59 -15.40
C GLU D 8 30.70 -43.19 -15.37
N LEU D 9 30.91 -42.46 -14.27
CA LEU D 9 30.40 -41.10 -14.18
C LEU D 9 31.11 -40.17 -15.15
N ASP D 10 32.43 -40.31 -15.29
CA ASP D 10 33.19 -39.44 -16.18
C ASP D 10 32.79 -39.63 -17.64
N GLN D 11 32.64 -40.89 -18.07
CA GLN D 11 32.33 -41.15 -19.48
C GLN D 11 30.91 -40.76 -19.82
N LEU D 12 29.97 -40.89 -18.88
CA LEU D 12 28.58 -40.53 -19.16
C LEU D 12 28.45 -39.04 -19.43
N ARG D 13 29.16 -38.20 -18.67
CA ARG D 13 29.11 -36.76 -18.89
C ARG D 13 29.69 -36.39 -20.25
N GLN D 14 30.80 -37.04 -20.63
CA GLN D 14 31.40 -36.76 -21.93
C GLN D 14 30.48 -37.19 -23.07
N GLU D 15 29.84 -38.34 -22.93
CA GLU D 15 28.90 -38.79 -23.97
C GLU D 15 27.71 -37.86 -24.08
N ALA D 16 27.22 -37.35 -22.94
CA ALA D 16 26.08 -36.44 -22.97
C ALA D 16 26.42 -35.15 -23.71
N GLU D 17 27.63 -34.61 -23.50
CA GLU D 17 28.03 -33.41 -24.21
C GLU D 17 28.22 -33.67 -25.70
N GLN D 18 28.64 -34.88 -26.07
CA GLN D 18 28.74 -35.22 -27.48
C GLN D 18 27.37 -35.21 -28.15
N LEU D 19 26.33 -35.64 -27.43
CA LEU D 19 24.97 -35.50 -27.93
C LEU D 19 24.47 -34.06 -27.78
N LYS D 20 24.94 -33.33 -26.77
CA LYS D 20 24.45 -31.98 -26.54
C LYS D 20 24.87 -31.03 -27.67
N ASN D 21 26.15 -31.03 -28.02
CA ASN D 21 26.61 -30.13 -29.08
C ASN D 21 26.18 -30.61 -30.46
N GLN D 22 25.87 -31.90 -30.61
CA GLN D 22 25.30 -32.38 -31.86
C GLN D 22 23.93 -31.73 -32.12
N ILE D 23 23.12 -31.61 -31.07
CA ILE D 23 21.83 -30.93 -31.21
C ILE D 23 22.05 -29.46 -31.52
N ARG D 24 23.07 -28.84 -30.90
CA ARG D 24 23.37 -27.45 -31.19
C ARG D 24 23.76 -27.25 -32.65
N ASP D 25 24.58 -28.16 -33.19
CA ASP D 25 24.95 -28.08 -34.59
C ASP D 25 23.73 -28.29 -35.49
N ALA D 26 22.88 -29.25 -35.14
CA ALA D 26 21.66 -29.47 -35.92
C ALA D 26 20.75 -28.26 -35.88
N ARG D 27 20.58 -27.65 -34.71
CA ARG D 27 19.78 -26.44 -34.61
C ARG D 27 20.43 -25.28 -35.35
N LYS D 28 21.76 -25.16 -35.25
CA LYS D 28 22.46 -24.09 -35.97
C LYS D 28 22.40 -24.29 -37.47
N ALA D 29 22.44 -25.55 -37.94
CA ALA D 29 22.35 -25.81 -39.36
C ALA D 29 21.02 -25.36 -39.93
N CYS D 30 19.93 -25.58 -39.19
CA CYS D 30 18.60 -25.21 -39.64
C CYS D 30 18.33 -23.71 -39.57
N ALA D 31 19.21 -22.95 -38.92
CA ALA D 31 19.01 -21.51 -38.78
C ALA D 31 19.48 -20.81 -40.06
N ASP D 32 18.53 -20.41 -40.90
CA ASP D 32 18.83 -19.70 -42.14
C ASP D 32 18.63 -18.20 -42.00
N ALA D 33 17.43 -17.78 -41.63
CA ALA D 33 17.12 -16.37 -41.44
C ALA D 33 16.28 -16.22 -40.18
N THR D 34 16.51 -15.11 -39.46
CA THR D 34 15.74 -14.87 -38.25
C THR D 34 14.32 -14.45 -38.58
N LEU D 35 13.44 -14.59 -37.59
CA LEU D 35 12.05 -14.14 -37.77
C LEU D 35 11.98 -12.65 -38.02
N SER D 36 12.92 -11.88 -37.49
CA SER D 36 12.94 -10.45 -37.74
C SER D 36 13.18 -10.14 -39.21
N GLN D 37 14.10 -10.87 -39.85
CA GLN D 37 14.39 -10.63 -41.26
C GLN D 37 13.17 -10.91 -42.14
N ILE D 38 12.47 -12.01 -41.89
CA ILE D 38 11.31 -12.36 -42.70
C ILE D 38 10.18 -11.37 -42.46
N THR D 39 10.01 -10.92 -41.21
CA THR D 39 8.99 -9.95 -40.85
C THR D 39 9.52 -8.53 -40.81
N ASN D 40 10.60 -8.25 -41.55
CA ASN D 40 11.18 -6.91 -41.53
C ASN D 40 10.35 -5.92 -42.33
N ASN D 41 9.71 -6.38 -43.40
CA ASN D 41 8.97 -5.50 -44.31
C ASN D 41 7.46 -5.74 -44.20
N ILE D 42 6.97 -5.96 -43.00
CA ILE D 42 5.53 -6.10 -42.76
C ILE D 42 5.03 -4.86 -42.03
N ASP D 43 3.76 -4.57 -42.19
CA ASP D 43 3.17 -3.37 -41.61
C ASP D 43 3.12 -3.51 -40.09
N PRO D 44 3.75 -2.62 -39.33
CA PRO D 44 3.69 -2.73 -37.87
C PRO D 44 2.29 -2.53 -37.33
N VAL D 45 2.04 -3.13 -36.17
CA VAL D 45 0.72 -3.07 -35.55
C VAL D 45 0.35 -1.63 -35.20
N GLY D 46 1.30 -0.88 -34.65
CA GLY D 46 1.04 0.43 -34.14
C GLY D 46 0.63 0.39 -32.67
N ARG D 47 0.54 1.57 -32.08
CA ARG D 47 0.20 1.67 -30.67
C ARG D 47 -1.18 1.08 -30.42
N ILE D 48 -1.29 0.24 -29.39
CA ILE D 48 -2.53 -0.43 -29.03
C ILE D 48 -3.09 0.25 -27.80
N GLN D 49 -4.31 0.78 -27.91
CA GLN D 49 -4.97 1.48 -26.82
C GLN D 49 -6.07 0.59 -26.27
N MET D 50 -5.90 0.14 -25.02
CA MET D 50 -6.88 -0.68 -24.34
C MET D 50 -7.32 0.02 -23.06
N ARG D 51 -8.60 -0.07 -22.74
CA ARG D 51 -9.18 0.62 -21.60
C ARG D 51 -9.81 -0.40 -20.65
N THR D 52 -9.72 -0.11 -19.36
CA THR D 52 -10.32 -0.99 -18.36
C THR D 52 -11.83 -0.86 -18.40
N ARG D 53 -12.47 -1.75 -19.18
CA ARG D 53 -13.93 -1.68 -19.31
C ARG D 53 -14.61 -1.98 -17.98
N ARG D 54 -14.14 -3.00 -17.27
CA ARG D 54 -14.77 -3.41 -16.02
C ARG D 54 -13.69 -3.80 -15.02
N THR D 55 -14.00 -3.62 -13.74
CA THR D 55 -13.09 -3.98 -12.65
C THR D 55 -13.86 -4.86 -11.67
N LEU D 56 -13.35 -6.07 -11.45
CA LEU D 56 -13.99 -7.04 -10.57
C LEU D 56 -13.32 -6.98 -9.20
N ARG D 57 -14.09 -6.60 -8.19
CA ARG D 57 -13.59 -6.52 -6.83
C ARG D 57 -14.40 -7.43 -5.91
N GLY D 58 -13.77 -7.87 -4.82
CA GLY D 58 -14.41 -8.77 -3.89
C GLY D 58 -13.47 -9.80 -3.30
N HIS D 59 -12.21 -9.81 -3.74
CA HIS D 59 -11.21 -10.71 -3.19
C HIS D 59 -10.51 -10.03 -2.02
N LEU D 60 -10.34 -10.79 -0.93
CA LEU D 60 -9.80 -10.21 0.30
C LEU D 60 -8.29 -10.03 0.22
N ALA D 61 -7.59 -10.87 -0.55
CA ALA D 61 -6.13 -10.84 -0.59
C ALA D 61 -5.69 -10.96 -2.05
N LYS D 62 -4.39 -11.14 -2.23
CA LYS D 62 -3.80 -11.15 -3.57
C LYS D 62 -4.39 -12.25 -4.42
N ILE D 63 -4.49 -11.98 -5.72
CA ILE D 63 -5.01 -12.93 -6.69
C ILE D 63 -3.82 -13.63 -7.33
N TYR D 64 -3.81 -14.97 -7.24
CA TYR D 64 -2.69 -15.76 -7.75
C TYR D 64 -2.95 -16.34 -9.13
N ALA D 65 -4.20 -16.61 -9.48
CA ALA D 65 -4.51 -17.18 -10.78
C ALA D 65 -5.93 -16.83 -11.18
N MET D 66 -6.18 -16.86 -12.49
CA MET D 66 -7.51 -16.73 -13.05
C MET D 66 -7.57 -17.55 -14.33
N HIS D 67 -8.79 -17.91 -14.73
CA HIS D 67 -8.98 -18.65 -15.95
C HIS D 67 -10.31 -18.26 -16.57
N TRP D 68 -10.38 -18.32 -17.89
CA TRP D 68 -11.58 -17.98 -18.64
C TRP D 68 -12.40 -19.22 -18.92
N GLY D 69 -13.71 -19.03 -19.01
CA GLY D 69 -14.56 -20.08 -19.52
C GLY D 69 -14.54 -20.15 -21.03
N THR D 70 -14.88 -21.32 -21.56
CA THR D 70 -14.94 -21.47 -23.01
C THR D 70 -16.03 -20.61 -23.62
N ASP D 71 -17.05 -20.25 -22.85
CA ASP D 71 -18.10 -19.37 -23.35
C ASP D 71 -17.67 -17.91 -23.43
N SER D 72 -16.48 -17.58 -22.93
CA SER D 72 -15.89 -16.24 -23.02
C SER D 72 -16.68 -15.21 -22.23
N ARG D 73 -17.45 -15.64 -21.25
CA ARG D 73 -18.23 -14.74 -20.40
C ARG D 73 -17.95 -14.94 -18.92
N LEU D 74 -17.75 -16.19 -18.49
CA LEU D 74 -17.50 -16.52 -17.10
C LEU D 74 -16.00 -16.76 -16.89
N LEU D 75 -15.47 -16.25 -15.79
CA LEU D 75 -14.09 -16.52 -15.42
C LEU D 75 -14.03 -16.86 -13.94
N VAL D 76 -13.09 -17.74 -13.59
CA VAL D 76 -12.82 -18.09 -12.21
C VAL D 76 -11.49 -17.47 -11.82
N SER D 77 -11.39 -17.05 -10.56
CA SER D 77 -10.17 -16.46 -10.04
C SER D 77 -9.88 -17.03 -8.67
N ALA D 78 -8.60 -17.27 -8.40
CA ALA D 78 -8.13 -17.80 -7.12
C ALA D 78 -7.38 -16.71 -6.38
N SER D 79 -7.72 -16.52 -5.11
CA SER D 79 -7.02 -15.58 -4.26
C SER D 79 -6.54 -16.30 -3.01
N GLN D 80 -5.39 -15.85 -2.50
CA GLN D 80 -4.76 -16.51 -1.37
C GLN D 80 -5.39 -16.15 -0.04
N ASP D 81 -6.58 -15.57 -0.04
CA ASP D 81 -7.36 -15.42 1.17
C ASP D 81 -8.22 -16.66 1.45
N GLY D 82 -8.15 -17.66 0.59
CA GLY D 82 -8.92 -18.86 0.75
C GLY D 82 -10.24 -18.89 0.00
N LYS D 83 -10.32 -18.21 -1.15
CA LYS D 83 -11.57 -18.06 -1.87
C LYS D 83 -11.35 -18.34 -3.34
N LEU D 84 -12.42 -18.81 -4.00
CA LEU D 84 -12.41 -19.11 -5.44
C LEU D 84 -13.72 -18.56 -6.01
N ILE D 85 -13.65 -17.39 -6.63
CA ILE D 85 -14.84 -16.67 -7.07
C ILE D 85 -15.02 -16.85 -8.56
N ILE D 86 -16.26 -17.08 -8.98
CA ILE D 86 -16.64 -17.17 -10.38
C ILE D 86 -17.41 -15.92 -10.73
N TRP D 87 -16.99 -15.24 -11.80
CA TRP D 87 -17.54 -13.95 -12.18
C TRP D 87 -18.34 -14.07 -13.47
N ASP D 88 -19.31 -13.19 -13.61
CA ASP D 88 -19.95 -12.92 -14.90
C ASP D 88 -19.34 -11.62 -15.39
N SER D 89 -18.40 -11.73 -16.34
CA SER D 89 -17.62 -10.56 -16.74
C SER D 89 -18.51 -9.46 -17.32
N TYR D 90 -19.53 -9.85 -18.10
CA TYR D 90 -20.38 -8.85 -18.75
C TYR D 90 -21.06 -7.96 -17.72
N THR D 91 -21.60 -8.54 -16.65
CA THR D 91 -22.40 -7.81 -15.69
C THR D 91 -21.69 -7.59 -14.36
N THR D 92 -20.45 -8.07 -14.21
CA THR D 92 -19.66 -7.88 -12.98
C THR D 92 -20.39 -8.44 -11.76
N ASN D 93 -21.02 -9.60 -11.92
CA ASN D 93 -21.77 -10.25 -10.85
C ASN D 93 -21.10 -11.56 -10.49
N LYS D 94 -20.87 -11.77 -9.20
CA LYS D 94 -20.26 -13.01 -8.72
C LYS D 94 -21.27 -14.14 -8.81
N VAL D 95 -21.08 -15.05 -9.76
CA VAL D 95 -21.96 -16.21 -9.86
C VAL D 95 -21.77 -17.13 -8.66
N HIS D 96 -20.51 -17.45 -8.34
CA HIS D 96 -20.18 -18.30 -7.21
C HIS D 96 -19.01 -17.67 -6.45
N ALA D 97 -18.92 -18.02 -5.16
CA ALA D 97 -17.77 -17.65 -4.34
C ALA D 97 -17.60 -18.80 -3.33
N ILE D 98 -16.73 -19.74 -3.68
CA ILE D 98 -16.62 -20.99 -2.92
C ILE D 98 -15.42 -20.91 -1.99
N PRO D 99 -15.52 -21.46 -0.79
CA PRO D 99 -14.37 -21.48 0.13
C PRO D 99 -13.52 -22.73 -0.03
N LEU D 100 -12.23 -22.57 0.22
CA LEU D 100 -11.25 -23.63 0.06
C LEU D 100 -10.72 -24.05 1.41
N ARG D 101 -10.39 -25.34 1.54
CA ARG D 101 -9.84 -25.84 2.79
C ARG D 101 -8.49 -25.22 3.10
N SER D 102 -7.65 -25.02 2.08
CA SER D 102 -6.34 -24.42 2.25
C SER D 102 -6.37 -22.99 1.69
N SER D 103 -5.84 -22.06 2.48
CA SER D 103 -5.81 -20.66 2.08
C SER D 103 -4.75 -20.35 1.05
N TRP D 104 -3.79 -21.26 0.84
CA TRP D 104 -2.65 -21.01 -0.03
C TRP D 104 -2.89 -21.71 -1.36
N VAL D 105 -3.68 -21.06 -2.21
CA VAL D 105 -4.05 -21.58 -3.51
C VAL D 105 -3.25 -20.83 -4.57
N MET D 106 -2.53 -21.57 -5.41
CA MET D 106 -1.63 -20.98 -6.37
C MET D 106 -2.08 -21.11 -7.81
N THR D 107 -3.16 -21.84 -8.09
CA THR D 107 -3.63 -22.02 -9.45
C THR D 107 -5.11 -22.33 -9.44
N CYS D 108 -5.74 -22.13 -10.60
CA CYS D 108 -7.14 -22.48 -10.80
C CYS D 108 -7.35 -22.77 -12.28
N ALA D 109 -8.30 -23.66 -12.55
CA ALA D 109 -8.65 -24.02 -13.92
C ALA D 109 -10.16 -24.08 -14.06
N TYR D 110 -10.63 -23.89 -15.29
CA TYR D 110 -12.04 -23.93 -15.64
C TYR D 110 -12.23 -25.01 -16.70
N ALA D 111 -13.18 -25.89 -16.49
CA ALA D 111 -13.39 -26.99 -17.42
C ALA D 111 -13.89 -26.46 -18.75
N PRO D 112 -13.48 -27.09 -19.86
CA PRO D 112 -14.00 -26.67 -21.17
C PRO D 112 -15.52 -26.78 -21.28
N SER D 113 -16.12 -27.75 -20.61
CA SER D 113 -17.58 -27.85 -20.57
C SER D 113 -18.21 -26.79 -19.69
N GLY D 114 -17.46 -26.24 -18.74
CA GLY D 114 -18.00 -25.29 -17.80
C GLY D 114 -18.71 -25.90 -16.61
N ASN D 115 -18.69 -27.22 -16.47
CA ASN D 115 -19.35 -27.90 -15.37
C ASN D 115 -18.46 -28.04 -14.14
N TYR D 116 -17.14 -28.01 -14.31
CA TYR D 116 -16.21 -28.24 -13.22
C TYR D 116 -15.21 -27.10 -13.14
N VAL D 117 -14.64 -26.95 -11.95
CA VAL D 117 -13.57 -25.99 -11.69
C VAL D 117 -12.51 -26.72 -10.86
N ALA D 118 -11.27 -26.25 -10.94
CA ALA D 118 -10.18 -26.87 -10.21
C ALA D 118 -9.32 -25.80 -9.56
N CYS D 119 -8.56 -26.21 -8.55
CA CYS D 119 -7.62 -25.32 -7.88
C CYS D 119 -6.59 -26.17 -7.15
N GLY D 120 -5.51 -25.52 -6.74
CA GLY D 120 -4.47 -26.19 -5.99
C GLY D 120 -3.47 -25.18 -5.46
N GLY D 121 -2.56 -25.67 -4.64
CA GLY D 121 -1.56 -24.80 -4.04
C GLY D 121 -0.58 -25.52 -3.13
N LEU D 122 -0.28 -24.92 -1.98
CA LEU D 122 0.71 -25.46 -1.07
C LEU D 122 0.27 -26.74 -0.39
N ASP D 123 -1.01 -27.12 -0.51
CA ASP D 123 -1.46 -28.39 0.02
C ASP D 123 -1.02 -29.58 -0.83
N ASN D 124 -0.39 -29.33 -1.98
CA ASN D 124 0.06 -30.38 -2.90
C ASN D 124 -1.10 -31.21 -3.43
N ILE D 125 -2.29 -30.61 -3.47
CA ILE D 125 -3.52 -31.33 -3.82
C ILE D 125 -4.27 -30.50 -4.86
N CYS D 126 -4.83 -31.18 -5.85
CA CYS D 126 -5.75 -30.58 -6.80
C CYS D 126 -7.17 -30.96 -6.43
N SER D 127 -8.03 -29.96 -6.26
CA SER D 127 -9.42 -30.16 -5.83
C SER D 127 -10.35 -29.79 -6.97
N ILE D 128 -11.21 -30.72 -7.36
CA ILE D 128 -12.18 -30.52 -8.44
C ILE D 128 -13.52 -30.21 -7.81
N TYR D 129 -14.15 -29.12 -8.25
CA TYR D 129 -15.42 -28.67 -7.72
C TYR D 129 -16.51 -28.80 -8.77
N ASN D 130 -17.64 -29.38 -8.39
CA ASN D 130 -18.77 -29.56 -9.28
C ASN D 130 -19.66 -28.34 -9.20
N LEU D 131 -19.83 -27.66 -10.33
CA LEU D 131 -20.64 -26.45 -10.38
C LEU D 131 -22.10 -26.71 -10.71
N LYS D 132 -22.43 -27.88 -11.24
CA LYS D 132 -23.79 -28.23 -11.65
C LYS D 132 -24.39 -29.29 -10.73
N THR D 133 -24.10 -29.21 -9.44
CA THR D 133 -24.59 -30.20 -8.50
C THR D 133 -26.12 -30.10 -8.36
N ARG D 134 -26.77 -31.26 -8.29
CA ARG D 134 -28.22 -31.29 -8.18
C ARG D 134 -28.73 -30.67 -6.89
N GLU D 135 -27.88 -30.62 -5.84
CA GLU D 135 -28.28 -29.96 -4.61
C GLU D 135 -28.34 -28.45 -4.73
N GLY D 136 -27.81 -27.88 -5.80
CA GLY D 136 -27.85 -26.45 -6.03
C GLY D 136 -26.65 -25.69 -5.48
N ASN D 137 -25.78 -26.35 -4.72
CA ASN D 137 -24.60 -25.71 -4.15
C ASN D 137 -23.34 -26.37 -4.70
N VAL D 138 -22.28 -25.59 -4.80
CA VAL D 138 -21.02 -26.07 -5.35
C VAL D 138 -20.25 -26.80 -4.25
N ARG D 139 -19.92 -28.07 -4.51
CA ARG D 139 -19.25 -28.92 -3.53
C ARG D 139 -18.06 -29.60 -4.19
N VAL D 140 -17.02 -29.83 -3.39
CA VAL D 140 -15.82 -30.48 -3.89
C VAL D 140 -16.12 -31.96 -4.17
N SER D 141 -15.83 -32.39 -5.39
CA SER D 141 -16.13 -33.76 -5.82
C SER D 141 -14.93 -34.69 -5.78
N ARG D 142 -13.72 -34.15 -5.88
CA ARG D 142 -12.53 -34.98 -5.92
C ARG D 142 -11.36 -34.20 -5.34
N GLU D 143 -10.38 -34.93 -4.79
CA GLU D 143 -9.13 -34.37 -4.32
C GLU D 143 -8.01 -35.27 -4.81
N LEU D 144 -7.19 -34.78 -5.74
CA LEU D 144 -6.16 -35.57 -6.38
C LEU D 144 -4.87 -35.42 -5.58
N ALA D 145 -4.42 -36.50 -4.94
CA ALA D 145 -3.22 -36.50 -4.13
C ALA D 145 -2.19 -37.43 -4.75
N GLY D 146 -0.92 -37.10 -4.53
CA GLY D 146 0.16 -37.86 -5.10
C GLY D 146 1.36 -37.01 -5.48
N HIS D 147 1.15 -35.70 -5.63
CA HIS D 147 2.25 -34.78 -5.82
C HIS D 147 2.96 -34.56 -4.49
N THR D 148 4.30 -34.52 -4.53
CA THR D 148 5.12 -34.29 -3.35
C THR D 148 5.61 -32.85 -3.27
N GLY D 149 5.03 -31.94 -4.04
CA GLY D 149 5.35 -30.54 -3.97
C GLY D 149 4.10 -29.73 -4.30
N TYR D 150 4.19 -28.42 -4.07
CA TYR D 150 3.04 -27.55 -4.27
C TYR D 150 2.59 -27.60 -5.73
N LEU D 151 1.28 -27.43 -5.92
CA LEU D 151 0.70 -27.42 -7.25
C LEU D 151 0.87 -26.04 -7.88
N SER D 152 1.46 -26.00 -9.07
CA SER D 152 1.73 -24.74 -9.75
C SER D 152 0.72 -24.41 -10.84
N CYS D 153 0.25 -25.40 -11.58
CA CYS D 153 -0.71 -25.17 -12.65
C CYS D 153 -1.50 -26.45 -12.88
N CYS D 154 -2.72 -26.29 -13.37
CA CYS D 154 -3.58 -27.42 -13.74
C CYS D 154 -4.45 -26.99 -14.91
N ARG D 155 -4.70 -27.91 -15.83
CA ARG D 155 -5.50 -27.63 -17.01
C ARG D 155 -6.33 -28.85 -17.35
N PHE D 156 -7.64 -28.65 -17.45
CA PHE D 156 -8.54 -29.74 -17.83
C PHE D 156 -8.33 -30.12 -19.30
N LEU D 157 -8.37 -31.41 -19.57
CA LEU D 157 -8.51 -31.92 -20.93
C LEU D 157 -9.97 -32.27 -21.24
N ASP D 158 -10.62 -32.97 -20.33
CA ASP D 158 -12.04 -33.29 -20.40
C ASP D 158 -12.64 -33.03 -19.02
N ASP D 159 -13.87 -33.49 -18.82
CA ASP D 159 -14.43 -33.54 -17.48
C ASP D 159 -13.85 -34.69 -16.65
N ASN D 160 -13.03 -35.54 -17.26
CA ASN D 160 -12.48 -36.71 -16.59
C ASN D 160 -10.97 -36.70 -16.45
N GLN D 161 -10.25 -35.87 -17.20
CA GLN D 161 -8.80 -35.83 -17.16
C GLN D 161 -8.31 -34.42 -16.89
N ILE D 162 -7.15 -34.33 -16.26
CA ILE D 162 -6.53 -33.05 -15.95
C ILE D 162 -5.03 -33.27 -15.82
N VAL D 163 -4.25 -32.30 -16.28
CA VAL D 163 -2.79 -32.32 -16.16
C VAL D 163 -2.39 -31.25 -15.17
N THR D 164 -1.56 -31.62 -14.20
CA THR D 164 -1.11 -30.71 -13.15
C THR D 164 0.41 -30.67 -13.12
N SER D 165 0.96 -29.47 -13.07
CA SER D 165 2.37 -29.26 -12.80
C SER D 165 2.57 -29.01 -11.32
N SER D 166 3.71 -29.45 -10.81
CA SER D 166 3.96 -29.39 -9.38
C SER D 166 5.38 -28.92 -9.12
N GLY D 167 5.61 -28.41 -7.91
CA GLY D 167 6.92 -27.99 -7.48
C GLY D 167 7.87 -29.10 -7.13
N ASP D 168 7.46 -30.36 -7.27
CA ASP D 168 8.33 -31.50 -7.07
C ASP D 168 9.05 -31.90 -8.35
N THR D 169 9.17 -30.98 -9.31
CA THR D 169 9.84 -31.22 -10.59
C THR D 169 9.17 -32.35 -11.36
N THR D 170 7.83 -32.34 -11.40
CA THR D 170 7.09 -33.44 -12.02
C THR D 170 5.72 -32.94 -12.46
N CYS D 171 5.33 -33.31 -13.67
CA CYS D 171 3.97 -33.13 -14.17
C CYS D 171 3.26 -34.47 -14.16
N ALA D 172 1.93 -34.43 -14.08
CA ALA D 172 1.14 -35.64 -13.92
C ALA D 172 -0.17 -35.51 -14.69
N LEU D 173 -0.64 -36.65 -15.20
CA LEU D 173 -1.95 -36.75 -15.82
C LEU D 173 -2.85 -37.57 -14.90
N TRP D 174 -4.04 -37.04 -14.60
CA TRP D 174 -4.92 -37.61 -13.61
C TRP D 174 -6.20 -38.11 -14.24
N ASP D 175 -6.83 -39.08 -13.58
CA ASP D 175 -8.14 -39.58 -13.94
C ASP D 175 -9.09 -39.21 -12.81
N ILE D 176 -9.94 -38.22 -13.04
CA ILE D 176 -10.75 -37.65 -11.96
C ILE D 176 -11.75 -38.67 -11.43
N GLU D 177 -12.29 -39.53 -12.29
CA GLU D 177 -13.28 -40.50 -11.84
C GLU D 177 -12.71 -41.44 -10.79
N THR D 178 -11.50 -41.95 -11.01
CA THR D 178 -10.85 -42.83 -10.06
C THR D 178 -9.88 -42.12 -9.14
N GLY D 179 -9.46 -40.91 -9.48
CA GLY D 179 -8.51 -40.19 -8.65
C GLY D 179 -7.10 -40.72 -8.68
N GLN D 180 -6.73 -41.42 -9.75
CA GLN D 180 -5.41 -42.02 -9.87
C GLN D 180 -4.58 -41.29 -10.92
N GLN D 181 -3.28 -41.26 -10.70
CA GLN D 181 -2.34 -40.58 -11.59
C GLN D 181 -2.03 -41.49 -12.77
N THR D 182 -2.62 -41.20 -13.92
CA THR D 182 -2.45 -42.08 -15.08
C THR D 182 -1.02 -42.07 -15.59
N THR D 183 -0.45 -40.88 -15.80
CA THR D 183 0.88 -40.74 -16.36
C THR D 183 1.66 -39.71 -15.57
N THR D 184 2.95 -39.96 -15.39
CA THR D 184 3.85 -39.05 -14.70
C THR D 184 4.92 -38.58 -15.68
N PHE D 185 5.08 -37.26 -15.78
CA PHE D 185 6.02 -36.64 -16.72
C PHE D 185 7.21 -36.12 -15.94
N THR D 186 8.31 -36.87 -15.96
CA THR D 186 9.53 -36.52 -15.24
C THR D 186 10.62 -36.09 -16.21
N GLY D 187 11.57 -35.33 -15.70
CA GLY D 187 12.66 -34.83 -16.52
C GLY D 187 13.12 -33.44 -16.18
N HIS D 188 12.24 -32.63 -15.59
CA HIS D 188 12.61 -31.28 -15.18
C HIS D 188 13.51 -31.34 -13.94
N THR D 189 14.37 -30.34 -13.81
CA THR D 189 15.30 -30.23 -12.70
C THR D 189 14.79 -29.35 -11.57
N GLY D 190 14.17 -28.21 -11.89
CA GLY D 190 13.57 -27.35 -10.90
C GLY D 190 12.05 -27.49 -10.89
N ASP D 191 11.42 -26.68 -10.03
CA ASP D 191 9.97 -26.69 -9.91
C ASP D 191 9.33 -26.30 -11.23
N VAL D 192 8.34 -27.07 -11.66
CA VAL D 192 7.59 -26.74 -12.86
C VAL D 192 6.57 -25.67 -12.49
N MET D 193 6.62 -24.53 -13.18
CA MET D 193 5.85 -23.37 -12.79
C MET D 193 4.60 -23.15 -13.63
N SER D 194 4.56 -23.68 -14.84
CA SER D 194 3.43 -23.42 -15.73
C SER D 194 3.32 -24.53 -16.75
N LEU D 195 2.16 -24.62 -17.38
CA LEU D 195 1.93 -25.56 -18.47
C LEU D 195 0.89 -24.97 -19.40
N SER D 196 0.85 -25.49 -20.62
CA SER D 196 -0.09 -25.02 -21.62
C SER D 196 -0.44 -26.19 -22.53
N LEU D 197 -1.73 -26.45 -22.70
CA LEU D 197 -2.18 -27.54 -23.55
C LEU D 197 -2.26 -27.08 -25.00
N ALA D 198 -1.94 -27.99 -25.91
CA ALA D 198 -2.08 -27.70 -27.32
C ALA D 198 -3.55 -27.60 -27.70
N PRO D 199 -3.87 -26.92 -28.80
CA PRO D 199 -5.27 -26.87 -29.23
C PRO D 199 -5.89 -28.24 -29.46
N ASP D 200 -5.12 -29.23 -29.90
CA ASP D 200 -5.62 -30.59 -30.02
C ASP D 200 -5.51 -31.38 -28.72
N THR D 201 -4.85 -30.82 -27.70
CA THR D 201 -4.72 -31.44 -26.37
C THR D 201 -4.11 -32.84 -26.46
N ARG D 202 -3.17 -33.02 -27.38
CA ARG D 202 -2.35 -34.23 -27.41
C ARG D 202 -0.91 -33.96 -27.01
N LEU D 203 -0.49 -32.70 -26.95
CA LEU D 203 0.81 -32.30 -26.46
C LEU D 203 0.63 -31.13 -25.51
N PHE D 204 1.60 -30.96 -24.62
CA PHE D 204 1.62 -29.77 -23.77
C PHE D 204 3.06 -29.43 -23.44
N VAL D 205 3.28 -28.15 -23.13
CA VAL D 205 4.60 -27.65 -22.78
C VAL D 205 4.59 -27.25 -21.32
N SER D 206 5.73 -27.39 -20.67
CA SER D 206 5.89 -27.04 -19.27
C SER D 206 7.16 -26.21 -19.08
N GLY D 207 7.05 -25.15 -18.30
CA GLY D 207 8.20 -24.33 -17.98
C GLY D 207 8.60 -24.44 -16.53
N ALA D 208 9.85 -24.79 -16.27
CA ALA D 208 10.32 -25.07 -14.93
C ALA D 208 11.35 -24.04 -14.49
N CYS D 209 11.86 -24.21 -13.27
CA CYS D 209 12.85 -23.33 -12.68
C CYS D 209 14.28 -23.68 -13.08
N ASP D 210 14.48 -24.70 -13.91
CA ASP D 210 15.78 -25.03 -14.45
C ASP D 210 16.09 -24.24 -15.72
N ALA D 211 15.32 -23.19 -16.00
CA ALA D 211 15.51 -22.33 -17.18
C ALA D 211 15.38 -23.13 -18.47
N SER D 212 14.43 -24.05 -18.52
CA SER D 212 14.19 -24.84 -19.72
C SER D 212 12.72 -25.18 -19.80
N ALA D 213 12.29 -25.51 -21.02
CA ALA D 213 10.93 -25.93 -21.29
C ALA D 213 10.97 -27.28 -22.01
N LYS D 214 9.89 -28.05 -21.87
CA LYS D 214 9.83 -29.37 -22.46
C LYS D 214 8.48 -29.57 -23.14
N LEU D 215 8.49 -30.34 -24.21
CA LEU D 215 7.27 -30.74 -24.91
C LEU D 215 6.98 -32.20 -24.58
N TRP D 216 5.78 -32.47 -24.09
CA TRP D 216 5.38 -33.80 -23.65
C TRP D 216 4.30 -34.36 -24.56
N ASP D 217 4.31 -35.67 -24.74
CA ASP D 217 3.24 -36.38 -25.41
C ASP D 217 2.34 -36.99 -24.35
N VAL D 218 1.09 -36.54 -24.31
CA VAL D 218 0.17 -36.97 -23.26
C VAL D 218 -0.07 -38.48 -23.34
N ARG D 219 -0.32 -38.99 -24.55
CA ARG D 219 -0.65 -40.40 -24.72
C ARG D 219 0.52 -41.29 -24.33
N GLU D 220 1.70 -41.04 -24.90
CA GLU D 220 2.85 -41.90 -24.63
C GLU D 220 3.45 -41.64 -23.26
N GLY D 221 3.55 -40.38 -22.85
CA GLY D 221 4.07 -40.04 -21.56
C GLY D 221 5.57 -39.81 -21.48
N MET D 222 6.21 -39.44 -22.58
CA MET D 222 7.63 -39.17 -22.60
C MET D 222 7.89 -37.79 -23.18
N CYS D 223 9.05 -37.24 -22.82
CA CYS D 223 9.44 -35.92 -23.31
C CYS D 223 9.92 -36.02 -24.75
N ARG D 224 9.39 -35.16 -25.62
CA ARG D 224 9.78 -35.16 -27.02
C ARG D 224 10.96 -34.22 -27.27
N GLN D 225 10.81 -32.95 -26.92
CA GLN D 225 11.81 -31.93 -27.17
C GLN D 225 12.02 -31.09 -25.92
N THR D 226 13.22 -30.53 -25.80
CA THR D 226 13.58 -29.64 -24.70
C THR D 226 14.08 -28.32 -25.29
N PHE D 227 13.54 -27.22 -24.79
CA PHE D 227 13.83 -25.89 -25.33
C PHE D 227 14.56 -25.09 -24.26
N THR D 228 15.82 -24.78 -24.53
CA THR D 228 16.63 -23.94 -23.67
C THR D 228 16.85 -22.58 -24.34
N GLY D 229 17.35 -21.63 -23.55
CA GLY D 229 17.57 -20.29 -24.07
C GLY D 229 17.30 -19.21 -23.05
N HIS D 230 16.52 -19.52 -22.02
CA HIS D 230 16.29 -18.59 -20.93
C HIS D 230 17.41 -18.69 -19.91
N GLU D 231 17.70 -17.57 -19.26
CA GLU D 231 18.77 -17.51 -18.27
C GLU D 231 18.30 -17.86 -16.86
N SER D 232 17.05 -17.55 -16.52
CA SER D 232 16.56 -17.75 -15.16
C SER D 232 15.29 -18.57 -15.16
N ASP D 233 14.61 -18.64 -14.01
CA ASP D 233 13.42 -19.46 -13.88
C ASP D 233 12.32 -19.00 -14.83
N ILE D 234 11.63 -19.96 -15.43
CA ILE D 234 10.53 -19.69 -16.34
C ILE D 234 9.24 -19.69 -15.54
N ASN D 235 8.52 -18.57 -15.55
CA ASN D 235 7.31 -18.39 -14.76
C ASN D 235 6.03 -18.66 -15.52
N ALA D 236 6.00 -18.30 -16.81
CA ALA D 236 4.80 -18.40 -17.61
C ALA D 236 5.12 -19.06 -18.94
N ILE D 237 4.11 -19.71 -19.51
CA ILE D 237 4.24 -20.34 -20.83
C ILE D 237 2.85 -20.38 -21.45
N CYS D 238 2.80 -20.20 -22.76
CA CYS D 238 1.55 -20.19 -23.50
C CYS D 238 1.81 -20.75 -24.89
N PHE D 239 0.76 -21.23 -25.53
CA PHE D 239 0.86 -21.86 -26.84
C PHE D 239 0.42 -20.90 -27.93
N PHE D 240 1.13 -20.92 -29.05
CA PHE D 240 0.70 -20.17 -30.21
C PHE D 240 -0.59 -20.79 -30.76
N PRO D 241 -1.50 -19.96 -31.30
CA PRO D 241 -2.82 -20.47 -31.67
C PRO D 241 -2.82 -21.66 -32.61
N ASN D 242 -1.87 -21.75 -33.54
CA ASN D 242 -1.87 -22.91 -34.43
C ASN D 242 -1.21 -24.14 -33.82
N GLY D 243 -0.60 -24.00 -32.64
CA GLY D 243 -0.01 -25.12 -31.94
C GLY D 243 1.38 -25.51 -32.37
N ASN D 244 1.99 -24.78 -33.31
CA ASN D 244 3.33 -25.08 -33.79
C ASN D 244 4.39 -24.21 -33.14
N ALA D 245 4.03 -23.41 -32.14
CA ALA D 245 4.98 -22.56 -31.45
C ALA D 245 4.46 -22.27 -30.06
N PHE D 246 5.31 -21.69 -29.23
CA PHE D 246 4.88 -21.29 -27.90
C PHE D 246 5.81 -20.19 -27.40
N ALA D 247 5.31 -19.42 -26.43
CA ALA D 247 6.06 -18.32 -25.83
C ALA D 247 6.20 -18.55 -24.33
N THR D 248 7.32 -18.10 -23.78
CA THR D 248 7.62 -18.28 -22.37
C THR D 248 8.11 -16.98 -21.78
N GLY D 249 7.77 -16.75 -20.52
CA GLY D 249 8.26 -15.61 -19.77
C GLY D 249 9.06 -16.09 -18.58
N SER D 250 10.12 -15.35 -18.24
CA SER D 250 11.07 -15.81 -17.23
C SER D 250 11.44 -14.66 -16.29
N ASP D 251 12.24 -14.98 -15.29
CA ASP D 251 12.68 -14.01 -14.29
C ASP D 251 13.85 -13.16 -14.76
N ASP D 252 14.44 -13.45 -15.92
CA ASP D 252 15.49 -12.63 -16.49
C ASP D 252 14.93 -11.49 -17.33
N ALA D 253 13.67 -11.12 -17.12
CA ALA D 253 13.06 -9.95 -17.74
C ALA D 253 13.04 -10.07 -19.27
N THR D 254 12.61 -11.23 -19.75
CA THR D 254 12.50 -11.42 -21.19
C THR D 254 11.45 -12.48 -21.49
N CYS D 255 10.90 -12.40 -22.70
CA CYS D 255 10.00 -13.40 -23.25
C CYS D 255 10.62 -13.94 -24.53
N ARG D 256 10.41 -15.23 -24.78
CA ARG D 256 10.99 -15.88 -25.94
C ARG D 256 9.95 -16.73 -26.65
N LEU D 257 10.08 -16.84 -27.96
CA LEU D 257 9.18 -17.62 -28.80
C LEU D 257 9.96 -18.81 -29.36
N PHE D 258 9.46 -20.01 -29.12
CA PHE D 258 10.10 -21.24 -29.58
C PHE D 258 9.20 -21.92 -30.60
N ASP D 259 9.81 -22.48 -31.63
CA ASP D 259 9.10 -23.21 -32.67
C ASP D 259 9.40 -24.70 -32.55
N LEU D 260 8.34 -25.51 -32.50
CA LEU D 260 8.51 -26.94 -32.27
C LEU D 260 9.24 -27.62 -33.44
N ARG D 261 8.84 -27.29 -34.67
CA ARG D 261 9.44 -27.94 -35.83
C ARG D 261 10.90 -27.54 -36.01
N ALA D 262 11.18 -26.23 -35.92
CA ALA D 262 12.56 -25.77 -36.02
C ALA D 262 13.39 -26.16 -34.80
N ASP D 263 12.74 -26.43 -33.67
CA ASP D 263 13.41 -26.84 -32.43
C ASP D 263 14.45 -25.82 -32.01
N GLN D 264 14.05 -24.54 -32.03
CA GLN D 264 14.97 -23.46 -31.72
C GLN D 264 14.19 -22.21 -31.38
N GLU D 265 14.77 -21.38 -30.53
CA GLU D 265 14.18 -20.08 -30.21
C GLU D 265 14.10 -19.21 -31.44
N LEU D 266 12.97 -18.54 -31.62
CA LEU D 266 12.72 -17.72 -32.80
C LEU D 266 12.90 -16.24 -32.55
N MET D 267 12.37 -15.72 -31.45
CA MET D 267 12.41 -14.28 -31.20
C MET D 267 12.50 -14.03 -29.70
N THR D 268 13.07 -12.89 -29.35
CA THR D 268 13.23 -12.46 -27.96
C THR D 268 12.52 -11.13 -27.76
N TYR D 269 11.73 -11.03 -26.70
CA TYR D 269 10.93 -9.84 -26.40
C TYR D 269 11.47 -9.20 -25.13
N SER D 270 12.47 -8.34 -25.28
CA SER D 270 13.15 -7.72 -24.15
C SER D 270 13.34 -6.24 -24.44
N HIS D 271 13.45 -5.46 -23.37
CA HIS D 271 13.73 -4.04 -23.47
C HIS D 271 14.69 -3.64 -22.36
N ASP D 272 15.53 -2.63 -22.65
CA ASP D 272 16.53 -2.20 -21.69
C ASP D 272 15.90 -1.59 -20.44
N ASN D 273 14.71 -1.02 -20.56
CA ASN D 273 14.04 -0.41 -19.41
C ASN D 273 13.28 -1.41 -18.57
N ILE D 274 13.23 -2.68 -18.98
CA ILE D 274 12.53 -3.73 -18.25
C ILE D 274 13.57 -4.61 -17.58
N ILE D 275 13.52 -4.66 -16.24
CA ILE D 275 14.42 -5.49 -15.47
C ILE D 275 13.68 -6.48 -14.57
N CYS D 276 12.37 -6.38 -14.46
CA CYS D 276 11.57 -7.28 -13.65
C CYS D 276 11.13 -8.50 -14.46
N GLY D 277 10.80 -9.56 -13.74
CA GLY D 277 10.40 -10.80 -14.40
C GLY D 277 8.99 -10.75 -14.96
N ILE D 278 8.67 -11.77 -15.76
CA ILE D 278 7.37 -11.91 -16.38
C ILE D 278 6.58 -12.96 -15.61
N THR D 279 5.38 -12.59 -15.16
CA THR D 279 4.56 -13.51 -14.40
C THR D 279 3.58 -14.29 -15.28
N SER D 280 3.00 -13.66 -16.28
CA SER D 280 2.00 -14.28 -17.14
C SER D 280 2.31 -13.99 -18.60
N VAL D 281 1.83 -14.89 -19.47
CA VAL D 281 2.05 -14.78 -20.91
C VAL D 281 0.80 -15.32 -21.61
N SER D 282 0.32 -14.59 -22.61
CA SER D 282 -0.79 -15.07 -23.43
C SER D 282 -0.75 -14.38 -24.78
N PHE D 283 -1.29 -15.07 -25.79
CA PHE D 283 -1.36 -14.56 -27.15
C PHE D 283 -2.72 -13.92 -27.39
N SER D 284 -3.00 -13.61 -28.65
CA SER D 284 -4.30 -13.09 -29.06
C SER D 284 -4.99 -14.11 -29.99
N LYS D 285 -6.19 -13.74 -30.42
CA LYS D 285 -6.98 -14.65 -31.25
C LYS D 285 -6.24 -15.02 -32.53
N SER D 286 -5.61 -14.04 -33.17
CA SER D 286 -4.85 -14.28 -34.39
C SER D 286 -3.42 -14.75 -34.12
N GLY D 287 -2.90 -14.49 -32.93
CA GLY D 287 -1.52 -14.80 -32.63
C GLY D 287 -0.53 -13.71 -32.97
N ARG D 288 -0.98 -12.48 -33.15
CA ARG D 288 -0.10 -11.37 -33.50
C ARG D 288 0.34 -10.56 -32.29
N LEU D 289 -0.48 -10.47 -31.26
CA LEU D 289 -0.14 -9.75 -30.04
C LEU D 289 0.22 -10.74 -28.94
N LEU D 290 1.35 -10.50 -28.30
CA LEU D 290 1.79 -11.28 -27.15
C LEU D 290 1.72 -10.39 -25.91
N LEU D 291 0.81 -10.71 -25.00
CA LEU D 291 0.62 -9.93 -23.79
C LEU D 291 1.36 -10.61 -22.64
N ALA D 292 2.13 -9.82 -21.90
CA ALA D 292 2.94 -10.33 -20.80
C ALA D 292 2.75 -9.47 -19.58
N GLY D 293 2.40 -10.10 -18.45
CA GLY D 293 2.29 -9.40 -17.18
C GLY D 293 3.65 -9.36 -16.49
N TYR D 294 3.91 -8.24 -15.82
CA TYR D 294 5.22 -7.98 -15.25
C TYR D 294 5.10 -7.66 -13.76
N ASP D 295 6.24 -7.75 -13.07
CA ASP D 295 6.34 -7.38 -11.67
C ASP D 295 6.37 -5.88 -11.45
N ASP D 296 6.58 -5.08 -12.49
CA ASP D 296 6.56 -3.63 -12.37
C ASP D 296 5.15 -3.05 -12.44
N PHE D 297 4.14 -3.89 -12.16
CA PHE D 297 2.74 -3.58 -11.93
C PHE D 297 1.96 -3.35 -13.21
N ASN D 298 2.56 -3.47 -14.39
CA ASN D 298 1.85 -3.23 -15.63
C ASN D 298 2.15 -4.33 -16.64
N CYS D 299 1.19 -4.52 -17.55
CA CYS D 299 1.28 -5.53 -18.59
C CYS D 299 1.68 -4.88 -19.92
N ASN D 300 2.47 -5.61 -20.71
CA ASN D 300 2.99 -5.09 -21.97
C ASN D 300 2.44 -5.92 -23.13
N VAL D 301 1.97 -5.24 -24.16
CA VAL D 301 1.56 -5.88 -25.41
C VAL D 301 2.76 -5.87 -26.36
N TRP D 302 3.05 -7.01 -26.96
CA TRP D 302 4.21 -7.17 -27.84
C TRP D 302 3.73 -7.60 -29.22
N ASP D 303 4.25 -6.93 -30.24
CA ASP D 303 4.07 -7.39 -31.61
C ASP D 303 4.86 -8.69 -31.78
N ALA D 304 4.16 -9.82 -31.84
CA ALA D 304 4.82 -11.12 -31.78
C ALA D 304 5.76 -11.36 -32.95
N LEU D 305 5.56 -10.68 -34.07
CA LEU D 305 6.37 -10.90 -35.25
C LEU D 305 7.53 -9.93 -35.40
N LYS D 306 7.46 -8.76 -34.75
CA LYS D 306 8.50 -7.76 -34.87
C LYS D 306 9.19 -7.42 -33.55
N ALA D 307 8.71 -7.98 -32.43
CA ALA D 307 9.32 -7.80 -31.12
C ALA D 307 9.38 -6.32 -30.73
N ASP D 308 8.35 -5.56 -31.11
CA ASP D 308 8.24 -4.15 -30.76
C ASP D 308 7.05 -3.96 -29.82
N ARG D 309 7.30 -3.36 -28.66
CA ARG D 309 6.24 -3.14 -27.69
C ARG D 309 5.17 -2.23 -28.27
N ALA D 310 3.98 -2.78 -28.50
CA ALA D 310 2.90 -2.06 -29.16
C ALA D 310 1.92 -1.41 -28.18
N GLY D 311 2.07 -1.63 -26.88
CA GLY D 311 1.15 -1.03 -25.94
C GLY D 311 1.49 -1.43 -24.52
N VAL D 312 0.79 -0.80 -23.58
CA VAL D 312 0.96 -1.05 -22.16
C VAL D 312 -0.41 -1.06 -21.49
N LEU D 313 -0.64 -2.03 -20.61
CA LEU D 313 -1.82 -2.06 -19.76
C LEU D 313 -1.37 -1.72 -18.35
N ALA D 314 -1.68 -0.51 -17.89
CA ALA D 314 -1.21 -0.02 -16.59
C ALA D 314 -2.39 0.50 -15.79
N GLY D 315 -2.96 -0.36 -14.94
CA GLY D 315 -3.99 0.07 -14.02
C GLY D 315 -3.91 -0.61 -12.66
N HIS D 316 -2.96 -1.51 -12.49
CA HIS D 316 -2.84 -2.32 -11.28
C HIS D 316 -1.83 -1.69 -10.33
N ASP D 317 -2.18 -1.70 -9.05
CA ASP D 317 -1.35 -1.10 -8.00
C ASP D 317 -0.29 -2.04 -7.45
N ASN D 318 -0.30 -3.31 -7.82
CA ASN D 318 0.65 -4.27 -7.29
C ASN D 318 1.05 -5.24 -8.40
N ARG D 319 1.78 -6.29 -8.02
CA ARG D 319 2.35 -7.22 -8.98
C ARG D 319 1.25 -7.91 -9.79
N VAL D 320 1.40 -7.89 -11.12
CA VAL D 320 0.43 -8.54 -12.01
C VAL D 320 0.75 -10.02 -12.02
N SER D 321 -0.13 -10.82 -11.41
CA SER D 321 0.13 -12.24 -11.22
C SER D 321 -0.44 -13.11 -12.34
N CYS D 322 -1.65 -12.80 -12.81
CA CYS D 322 -2.33 -13.61 -13.80
C CYS D 322 -2.81 -12.74 -14.95
N LEU D 323 -3.06 -13.39 -16.08
CA LEU D 323 -3.45 -12.70 -17.30
C LEU D 323 -3.94 -13.71 -18.33
N GLY D 324 -5.10 -13.46 -18.93
CA GLY D 324 -5.65 -14.38 -19.91
C GLY D 324 -6.51 -13.67 -20.92
N VAL D 325 -6.61 -14.26 -22.11
CA VAL D 325 -7.37 -13.70 -23.22
C VAL D 325 -8.51 -14.67 -23.54
N THR D 326 -9.68 -14.11 -23.86
CA THR D 326 -10.86 -14.93 -24.11
C THR D 326 -10.69 -15.76 -25.36
N ASP D 327 -11.54 -16.80 -25.48
CA ASP D 327 -11.47 -17.69 -26.63
C ASP D 327 -11.87 -17.00 -27.92
N ASP D 328 -12.80 -16.05 -27.85
CA ASP D 328 -13.11 -15.22 -29.01
C ASP D 328 -12.17 -14.02 -29.12
N GLY D 329 -11.28 -13.83 -28.15
CA GLY D 329 -10.32 -12.74 -28.17
C GLY D 329 -10.90 -11.39 -27.86
N MET D 330 -12.15 -11.32 -27.41
CA MET D 330 -12.82 -10.03 -27.27
C MET D 330 -12.26 -9.24 -26.09
N ALA D 331 -11.80 -9.91 -25.05
CA ALA D 331 -11.38 -9.23 -23.84
C ALA D 331 -10.11 -9.87 -23.28
N VAL D 332 -9.41 -9.10 -22.45
CA VAL D 332 -8.24 -9.55 -21.71
C VAL D 332 -8.48 -9.25 -20.24
N ALA D 333 -8.30 -10.27 -19.39
CA ALA D 333 -8.47 -10.11 -17.95
C ALA D 333 -7.11 -10.23 -17.28
N THR D 334 -6.82 -9.30 -16.37
CA THR D 334 -5.58 -9.32 -15.62
C THR D 334 -5.89 -9.21 -14.13
N GLY D 335 -5.41 -10.17 -13.35
CA GLY D 335 -5.42 -10.08 -11.91
C GLY D 335 -4.06 -9.62 -11.40
N SER D 336 -4.04 -9.20 -10.14
CA SER D 336 -2.80 -8.74 -9.56
C SER D 336 -2.88 -8.86 -8.04
N TRP D 337 -1.74 -8.61 -7.40
CA TRP D 337 -1.62 -8.74 -5.96
C TRP D 337 -2.39 -7.68 -5.18
N ASP D 338 -2.95 -6.68 -5.86
CA ASP D 338 -3.82 -5.72 -5.20
C ASP D 338 -5.27 -6.21 -5.09
N SER D 339 -5.51 -7.47 -5.45
CA SER D 339 -6.80 -8.14 -5.25
C SER D 339 -7.88 -7.64 -6.20
N PHE D 340 -7.51 -7.19 -7.39
CA PHE D 340 -8.47 -6.67 -8.35
C PHE D 340 -8.23 -7.29 -9.72
N LEU D 341 -9.32 -7.64 -10.40
CA LEU D 341 -9.28 -8.05 -11.79
C LEU D 341 -9.79 -6.92 -12.67
N LYS D 342 -9.30 -6.88 -13.90
CA LYS D 342 -9.67 -5.84 -14.84
C LYS D 342 -9.87 -6.46 -16.21
N ILE D 343 -10.92 -6.04 -16.91
CA ILE D 343 -11.22 -6.52 -18.26
C ILE D 343 -10.91 -5.39 -19.23
N TRP D 344 -10.10 -5.69 -20.24
CA TRP D 344 -9.59 -4.71 -21.18
C TRP D 344 -10.11 -5.02 -22.58
N ASN D 345 -10.48 -3.98 -23.32
CA ASN D 345 -10.92 -4.13 -24.69
C ASN D 345 -10.17 -3.20 -25.64
N ALA E 7 22.49 -43.02 -6.55
CA ALA E 7 22.98 -43.56 -7.81
C ALA E 7 22.94 -42.52 -8.91
N SER E 8 24.04 -41.77 -9.08
CA SER E 8 24.11 -40.76 -10.12
C SER E 8 24.23 -41.37 -11.51
N ILE E 9 24.65 -42.62 -11.62
CA ILE E 9 24.78 -43.26 -12.92
C ILE E 9 23.41 -43.41 -13.58
N ALA E 10 22.39 -43.78 -12.79
CA ALA E 10 21.06 -43.97 -13.34
C ALA E 10 20.50 -42.69 -13.94
N GLN E 11 20.68 -41.57 -13.24
CA GLN E 11 20.23 -40.28 -13.78
C GLN E 11 21.07 -39.88 -14.98
N ALA E 12 22.39 -40.11 -14.93
CA ALA E 12 23.24 -39.80 -16.07
C ALA E 12 22.90 -40.67 -17.28
N ARG E 13 22.69 -41.97 -17.04
CA ARG E 13 22.33 -42.86 -18.13
C ARG E 13 20.96 -42.51 -18.72
N LYS E 14 20.00 -42.16 -17.86
CA LYS E 14 18.69 -41.75 -18.35
C LYS E 14 18.78 -40.47 -19.17
N LEU E 15 19.62 -39.53 -18.74
CA LEU E 15 19.80 -38.30 -19.50
C LEU E 15 20.36 -38.56 -20.89
N VAL E 16 21.36 -39.45 -20.98
CA VAL E 16 21.94 -39.79 -22.27
C VAL E 16 20.92 -40.48 -23.16
N GLU E 17 20.15 -41.42 -22.60
CA GLU E 17 19.13 -42.11 -23.37
C GLU E 17 18.06 -41.14 -23.85
N GLN E 18 17.66 -40.18 -23.00
CA GLN E 18 16.67 -39.20 -23.40
C GLN E 18 17.20 -38.25 -24.47
N LEU E 19 18.49 -37.90 -24.39
CA LEU E 19 19.08 -37.01 -25.40
C LEU E 19 19.14 -37.66 -26.78
N LYS E 20 19.16 -39.00 -26.84
CA LYS E 20 19.17 -39.67 -28.14
C LYS E 20 17.88 -39.37 -28.92
N MET E 21 16.74 -39.42 -28.24
CA MET E 21 15.46 -39.18 -28.91
C MET E 21 15.36 -37.75 -29.43
N GLU E 22 15.86 -36.79 -28.65
CA GLU E 22 15.77 -35.38 -29.06
C GLU E 22 16.67 -35.09 -30.25
N ALA E 23 17.78 -35.82 -30.39
CA ALA E 23 18.68 -35.60 -31.51
C ALA E 23 18.28 -36.32 -32.78
N ASN E 24 17.32 -37.24 -32.71
CA ASN E 24 16.91 -38.03 -33.87
C ASN E 24 15.69 -37.45 -34.59
N ILE E 25 15.19 -36.30 -34.15
CA ILE E 25 14.00 -35.71 -34.76
C ILE E 25 14.38 -35.04 -36.08
N ASP E 26 13.37 -34.70 -36.88
CA ASP E 26 13.56 -33.96 -38.12
C ASP E 26 13.22 -32.49 -37.88
N ARG E 27 14.18 -31.62 -38.15
CA ARG E 27 14.01 -30.18 -37.95
C ARG E 27 13.92 -29.48 -39.30
N ILE E 28 12.84 -28.73 -39.49
CA ILE E 28 12.65 -27.96 -40.72
C ILE E 28 13.50 -26.70 -40.62
N LYS E 29 13.67 -26.01 -41.74
CA LYS E 29 14.44 -24.78 -41.76
C LYS E 29 13.73 -23.70 -40.96
N VAL E 30 14.51 -22.84 -40.32
CA VAL E 30 13.94 -21.76 -39.51
C VAL E 30 13.18 -20.77 -40.39
N SER E 31 13.66 -20.53 -41.62
CA SER E 31 12.95 -19.66 -42.54
C SER E 31 11.58 -20.23 -42.87
N LYS E 32 11.49 -21.55 -43.08
CA LYS E 32 10.18 -22.17 -43.31
C LYS E 32 9.30 -22.07 -42.08
N ALA E 33 9.87 -22.29 -40.90
CA ALA E 33 9.08 -22.23 -39.66
C ALA E 33 8.63 -20.81 -39.36
N ALA E 34 9.46 -19.82 -39.66
CA ALA E 34 9.10 -18.43 -39.42
C ALA E 34 8.11 -17.89 -40.44
N ALA E 35 8.00 -18.52 -41.61
CA ALA E 35 7.05 -18.07 -42.62
C ALA E 35 5.64 -18.51 -42.27
N ASP E 36 5.48 -19.70 -41.69
CA ASP E 36 4.14 -20.19 -41.34
C ASP E 36 3.50 -19.35 -40.25
N LEU E 37 4.29 -18.93 -39.25
CA LEU E 37 3.75 -18.05 -38.22
C LEU E 37 3.30 -16.72 -38.80
N MET E 38 4.09 -16.16 -39.72
CA MET E 38 3.68 -14.94 -40.39
C MET E 38 2.44 -15.16 -41.24
N ALA E 39 2.36 -16.31 -41.91
CA ALA E 39 1.19 -16.62 -42.73
C ALA E 39 -0.05 -16.81 -41.87
N TYR E 40 0.09 -17.44 -40.71
CA TYR E 40 -1.05 -17.65 -39.84
C TYR E 40 -1.60 -16.34 -39.30
N CYS E 41 -0.72 -15.42 -38.91
CA CYS E 41 -1.18 -14.16 -38.31
C CYS E 41 -1.91 -13.30 -39.33
N GLU E 42 -1.46 -13.29 -40.57
CA GLU E 42 -2.12 -12.48 -41.60
C GLU E 42 -3.40 -13.13 -42.10
N ALA E 43 -3.59 -14.43 -41.89
CA ALA E 43 -4.82 -15.10 -42.28
C ALA E 43 -5.92 -14.96 -41.24
N HIS E 44 -5.59 -14.51 -40.03
CA HIS E 44 -6.57 -14.33 -38.96
C HIS E 44 -6.60 -12.91 -38.43
N ALA E 45 -6.01 -11.95 -39.14
CA ALA E 45 -5.96 -10.58 -38.64
C ALA E 45 -7.35 -9.97 -38.53
N LYS E 46 -8.23 -10.29 -39.47
CA LYS E 46 -9.59 -9.75 -39.44
C LYS E 46 -10.38 -10.29 -38.26
N GLU E 47 -10.12 -11.54 -37.85
CA GLU E 47 -10.87 -12.19 -36.80
C GLU E 47 -10.31 -11.92 -35.41
N ASP E 48 -9.40 -10.95 -35.27
CA ASP E 48 -8.80 -10.65 -33.98
C ASP E 48 -9.42 -9.37 -33.44
N PRO E 49 -10.27 -9.43 -32.41
CA PRO E 49 -10.90 -8.21 -31.90
C PRO E 49 -9.92 -7.21 -31.31
N LEU E 50 -8.70 -7.62 -30.96
CA LEU E 50 -7.73 -6.71 -30.37
C LEU E 50 -6.87 -6.01 -31.41
N LEU E 51 -6.62 -6.65 -32.56
CA LEU E 51 -5.94 -5.95 -33.65
C LEU E 51 -6.89 -4.99 -34.36
N THR E 52 -8.04 -5.50 -34.82
CA THR E 52 -9.04 -4.69 -35.47
C THR E 52 -10.26 -4.59 -34.56
N PRO E 53 -10.41 -3.52 -33.78
CA PRO E 53 -11.52 -3.44 -32.83
C PRO E 53 -12.87 -3.52 -33.54
N VAL E 54 -13.79 -4.26 -32.92
CA VAL E 54 -15.14 -4.45 -33.45
C VAL E 54 -15.97 -3.22 -33.10
N PRO E 55 -17.05 -2.95 -33.83
CA PRO E 55 -17.91 -1.81 -33.47
C PRO E 55 -18.54 -2.00 -32.10
N ALA E 56 -18.81 -0.88 -31.43
CA ALA E 56 -19.33 -0.92 -30.06
C ALA E 56 -20.67 -1.65 -29.97
N SER E 57 -21.41 -1.75 -31.07
CA SER E 57 -22.68 -2.48 -31.03
C SER E 57 -22.44 -3.98 -30.84
N GLU E 58 -21.50 -4.55 -31.57
CA GLU E 58 -21.15 -5.96 -31.42
C GLU E 58 -19.95 -6.13 -30.50
N ASN E 59 -20.10 -5.64 -29.28
CA ASN E 59 -19.05 -5.70 -28.27
C ASN E 59 -19.69 -5.75 -26.88
N PRO E 60 -19.64 -6.90 -26.19
CA PRO E 60 -20.39 -7.02 -24.93
C PRO E 60 -19.75 -6.32 -23.75
N PHE E 61 -18.47 -5.95 -23.84
CA PHE E 61 -17.81 -5.22 -22.77
C PHE E 61 -17.84 -3.72 -22.97
N ARG E 62 -18.44 -3.23 -24.05
CA ARG E 62 -18.54 -1.81 -24.30
C ARG E 62 -19.85 -1.48 -25.00
N GLN F 3 21.30 -21.94 -22.75
CA GLN F 3 21.81 -23.01 -21.89
C GLN F 3 22.80 -22.47 -20.88
N VAL F 4 22.39 -22.43 -19.61
CA VAL F 4 23.26 -21.96 -18.54
C VAL F 4 24.26 -23.06 -18.21
N GLN F 5 25.54 -22.79 -18.47
CA GLN F 5 26.59 -23.76 -18.22
C GLN F 5 27.67 -23.14 -17.35
N LEU F 6 28.06 -23.85 -16.30
CA LEU F 6 29.14 -23.43 -15.41
C LEU F 6 30.11 -24.58 -15.28
N GLN F 7 31.35 -24.38 -15.70
CA GLN F 7 32.39 -25.40 -15.63
C GLN F 7 33.53 -24.91 -14.77
N GLU F 8 33.90 -25.70 -13.76
CA GLU F 8 34.96 -25.35 -12.84
C GLU F 8 36.27 -25.97 -13.30
N SER F 9 37.35 -25.20 -13.17
CA SER F 9 38.68 -25.63 -13.55
C SER F 9 39.63 -25.47 -12.37
N GLY F 10 40.51 -26.45 -12.19
CA GLY F 10 41.47 -26.43 -11.10
C GLY F 10 41.34 -27.67 -10.23
N GLY F 11 41.71 -27.52 -8.96
CA GLY F 11 41.63 -28.62 -8.02
C GLY F 11 42.82 -29.55 -8.14
N GLY F 12 42.78 -30.59 -7.30
CA GLY F 12 43.82 -31.59 -7.26
C GLY F 12 44.25 -31.86 -5.83
N LEU F 13 45.40 -32.52 -5.70
CA LEU F 13 45.96 -32.88 -4.41
C LEU F 13 47.12 -31.94 -4.09
N VAL F 14 47.07 -31.29 -2.93
CA VAL F 14 48.12 -30.40 -2.49
C VAL F 14 48.49 -30.73 -1.06
N GLN F 15 49.73 -30.43 -0.70
CA GLN F 15 50.18 -30.64 0.67
C GLN F 15 49.55 -29.61 1.60
N PRO F 16 49.41 -29.92 2.88
CA PRO F 16 48.87 -28.93 3.83
C PRO F 16 49.73 -27.67 3.84
N GLY F 17 49.06 -26.53 3.93
CA GLY F 17 49.74 -25.25 3.84
C GLY F 17 50.00 -24.77 2.42
N GLY F 18 49.60 -25.54 1.41
CA GLY F 18 49.83 -25.16 0.04
C GLY F 18 48.83 -24.14 -0.46
N SER F 19 48.95 -23.81 -1.74
CA SER F 19 48.10 -22.83 -2.40
C SER F 19 47.48 -23.44 -3.64
N LEU F 20 46.24 -23.02 -3.93
CA LEU F 20 45.51 -23.52 -5.08
C LEU F 20 44.59 -22.42 -5.59
N ARG F 21 44.27 -22.49 -6.88
CA ARG F 21 43.38 -21.51 -7.51
C ARG F 21 42.34 -22.24 -8.33
N LEU F 22 41.08 -21.82 -8.19
CA LEU F 22 39.96 -22.41 -8.91
C LEU F 22 39.36 -21.38 -9.86
N SER F 23 39.00 -21.82 -11.05
CA SER F 23 38.40 -20.96 -12.07
C SER F 23 37.06 -21.54 -12.49
N CYS F 24 36.06 -20.66 -12.64
CA CYS F 24 34.70 -21.05 -12.97
C CYS F 24 34.31 -20.36 -14.27
N ALA F 25 34.36 -21.10 -15.38
CA ALA F 25 34.01 -20.56 -16.69
C ALA F 25 32.49 -20.58 -16.84
N ALA F 26 31.91 -19.41 -17.11
CA ALA F 26 30.47 -19.25 -17.20
C ALA F 26 30.06 -18.91 -18.62
N SER F 27 28.94 -19.48 -19.06
CA SER F 27 28.38 -19.21 -20.38
C SER F 27 26.88 -19.42 -20.33
N GLY F 28 26.19 -18.85 -21.31
CA GLY F 28 24.75 -18.97 -21.40
C GLY F 28 23.96 -17.87 -20.71
N PHE F 29 24.63 -16.94 -20.03
CA PHE F 29 23.94 -15.84 -19.37
C PHE F 29 24.88 -14.64 -19.29
N THR F 30 24.31 -13.49 -19.00
CA THR F 30 25.10 -12.28 -18.81
C THR F 30 25.74 -12.33 -17.42
N PHE F 31 27.07 -12.42 -17.40
CA PHE F 31 27.78 -12.63 -16.14
C PHE F 31 27.62 -11.45 -15.19
N SER F 32 27.59 -10.23 -15.72
CA SER F 32 27.64 -9.04 -14.87
C SER F 32 26.37 -8.82 -14.08
N ASN F 33 25.26 -9.47 -14.43
CA ASN F 33 23.98 -9.20 -13.80
C ASN F 33 23.70 -10.08 -12.59
N TYR F 34 24.57 -11.03 -12.27
CA TYR F 34 24.30 -12.03 -11.24
C TYR F 34 25.37 -12.00 -10.17
N LYS F 35 24.95 -12.33 -8.95
CA LYS F 35 25.87 -12.53 -7.84
C LYS F 35 26.33 -13.99 -7.84
N MET F 36 27.64 -14.20 -7.80
CA MET F 36 28.23 -15.52 -7.85
C MET F 36 28.62 -15.99 -6.46
N ASN F 37 28.62 -17.30 -6.27
CA ASN F 37 28.92 -17.93 -4.99
C ASN F 37 29.96 -19.02 -5.17
N TRP F 38 30.48 -19.50 -4.04
CA TRP F 38 31.29 -20.71 -3.98
C TRP F 38 30.75 -21.58 -2.86
N VAL F 39 30.46 -22.84 -3.17
CA VAL F 39 29.97 -23.79 -2.19
C VAL F 39 30.81 -25.06 -2.30
N ARG F 40 30.89 -25.81 -1.19
CA ARG F 40 31.68 -27.02 -1.16
C ARG F 40 30.92 -28.10 -0.41
N GLN F 41 31.30 -29.35 -0.66
CA GLN F 41 30.67 -30.51 -0.03
C GLN F 41 31.77 -31.46 0.42
N ALA F 42 32.12 -31.41 1.70
CA ALA F 42 33.08 -32.33 2.25
C ALA F 42 32.49 -33.74 2.28
N PRO F 43 33.33 -34.77 2.20
CA PRO F 43 32.82 -36.15 2.22
C PRO F 43 32.03 -36.42 3.51
N GLY F 44 30.87 -37.07 3.35
CA GLY F 44 30.02 -37.39 4.47
C GLY F 44 29.15 -36.26 4.98
N LYS F 45 29.16 -35.11 4.32
CA LYS F 45 28.37 -33.96 4.74
C LYS F 45 27.66 -33.37 3.54
N GLY F 46 26.78 -32.40 3.80
CA GLY F 46 26.00 -31.74 2.77
C GLY F 46 26.72 -30.53 2.20
N LEU F 47 26.00 -29.81 1.35
CA LEU F 47 26.55 -28.61 0.73
C LEU F 47 26.76 -27.52 1.78
N GLU F 48 27.91 -26.86 1.70
CA GLU F 48 28.27 -25.78 2.61
C GLU F 48 28.66 -24.56 1.80
N TRP F 49 28.15 -23.39 2.21
CA TRP F 49 28.47 -22.14 1.54
C TRP F 49 29.83 -21.63 2.00
N VAL F 50 30.68 -21.28 1.03
CA VAL F 50 32.05 -20.84 1.31
C VAL F 50 32.19 -19.33 1.14
N SER F 51 31.89 -18.82 -0.04
CA SER F 51 32.07 -17.40 -0.30
C SER F 51 31.13 -16.97 -1.42
N ASP F 52 30.94 -15.65 -1.53
CA ASP F 52 30.19 -15.09 -2.63
C ASP F 52 30.68 -13.68 -2.89
N ILE F 53 30.46 -13.22 -4.13
CA ILE F 53 30.90 -11.90 -4.57
C ILE F 53 29.75 -11.24 -5.32
N SER F 54 29.56 -9.95 -5.10
CA SER F 54 28.46 -9.24 -5.72
C SER F 54 28.69 -9.08 -7.22
N GLN F 55 27.75 -8.40 -7.88
CA GLN F 55 27.85 -8.20 -9.32
C GLN F 55 29.04 -7.31 -9.68
N SER F 56 29.21 -6.21 -8.94
CA SER F 56 30.35 -5.32 -9.19
C SER F 56 31.64 -5.88 -8.62
N GLY F 57 31.56 -6.63 -7.52
CA GLY F 57 32.73 -7.06 -6.79
C GLY F 57 33.01 -6.25 -5.54
N ALA F 58 32.17 -5.27 -5.21
CA ALA F 58 32.37 -4.45 -4.03
C ALA F 58 32.01 -5.17 -2.74
N SER F 59 30.97 -6.01 -2.78
CA SER F 59 30.52 -6.74 -1.60
C SER F 59 31.05 -8.17 -1.67
N ILE F 60 31.75 -8.59 -0.63
CA ILE F 60 32.35 -9.92 -0.55
C ILE F 60 32.11 -10.48 0.83
N SER F 61 31.79 -11.78 0.90
CA SER F 61 31.57 -12.46 2.15
C SER F 61 32.26 -13.82 2.12
N TYR F 62 32.64 -14.30 3.30
CA TYR F 62 33.23 -15.62 3.45
C TYR F 62 32.64 -16.32 4.66
N THR F 63 32.62 -17.64 4.61
CA THR F 63 32.35 -18.40 5.82
C THR F 63 33.53 -18.27 6.78
N GLY F 64 33.23 -18.32 8.08
CA GLY F 64 34.25 -18.07 9.07
C GLY F 64 35.39 -19.08 9.07
N SER F 65 35.13 -20.29 8.55
CA SER F 65 36.17 -21.31 8.53
C SER F 65 37.29 -20.98 7.56
N VAL F 66 37.04 -20.17 6.55
CA VAL F 66 38.03 -19.84 5.52
C VAL F 66 38.36 -18.36 5.47
N LYS F 67 37.70 -17.53 6.28
CA LYS F 67 37.96 -16.10 6.26
C LYS F 67 39.41 -15.81 6.66
N GLY F 68 40.07 -14.97 5.88
CA GLY F 68 41.47 -14.67 6.07
C GLY F 68 42.41 -15.49 5.19
N ARG F 69 41.92 -16.58 4.61
CA ARG F 69 42.71 -17.43 3.74
C ARG F 69 42.26 -17.39 2.29
N PHE F 70 40.98 -17.65 2.03
CA PHE F 70 40.47 -17.66 0.67
C PHE F 70 40.08 -16.26 0.25
N THR F 71 40.30 -15.94 -1.02
CA THR F 71 39.86 -14.68 -1.60
C THR F 71 39.18 -14.95 -2.93
N ILE F 72 38.03 -14.31 -3.14
CA ILE F 72 37.20 -14.53 -4.32
C ILE F 72 37.24 -13.29 -5.19
N SER F 73 37.31 -13.49 -6.50
CA SER F 73 37.34 -12.38 -7.44
C SER F 73 36.62 -12.79 -8.72
N ARG F 74 36.03 -11.79 -9.38
CA ARG F 74 35.32 -12.00 -10.64
C ARG F 74 35.88 -11.06 -11.69
N ASP F 75 35.86 -11.52 -12.94
CA ASP F 75 36.31 -10.73 -14.08
C ASP F 75 35.18 -10.68 -15.10
N ASN F 76 34.53 -9.54 -15.22
CA ASN F 76 33.40 -9.42 -16.14
C ASN F 76 33.87 -9.06 -17.55
N ALA F 77 34.88 -9.76 -18.01
CA ALA F 77 35.33 -9.74 -19.41
C ALA F 77 35.50 -11.14 -19.96
N LYS F 78 35.99 -12.08 -19.16
CA LYS F 78 36.15 -13.47 -19.56
C LYS F 78 35.02 -14.35 -19.05
N ASN F 79 34.05 -13.78 -18.32
CA ASN F 79 32.98 -14.53 -17.69
C ASN F 79 33.56 -15.67 -16.85
N THR F 80 34.37 -15.29 -15.87
CA THR F 80 35.07 -16.25 -15.02
C THR F 80 34.98 -15.83 -13.57
N LEU F 81 35.05 -16.82 -12.68
CA LEU F 81 35.02 -16.61 -11.24
C LEU F 81 36.19 -17.34 -10.62
N TYR F 82 36.87 -16.67 -9.68
CA TYR F 82 38.10 -17.19 -9.10
C TYR F 82 37.97 -17.36 -7.59
N LEU F 83 38.67 -18.37 -7.07
CA LEU F 83 38.80 -18.57 -5.62
C LEU F 83 40.26 -18.93 -5.36
N GLN F 84 41.03 -17.96 -4.87
CA GLN F 84 42.42 -18.21 -4.49
C GLN F 84 42.46 -18.77 -3.08
N MET F 85 43.04 -19.96 -2.92
CA MET F 85 43.04 -20.69 -1.67
C MET F 85 44.47 -20.79 -1.15
N ASN F 86 44.68 -20.39 0.10
CA ASN F 86 46.00 -20.41 0.72
C ASN F 86 45.92 -21.13 2.06
N SER F 87 47.02 -21.81 2.42
CA SER F 87 47.13 -22.54 3.67
C SER F 87 46.00 -23.57 3.81
N LEU F 88 46.00 -24.53 2.89
CA LEU F 88 44.95 -25.53 2.82
C LEU F 88 45.16 -26.57 3.92
N LYS F 89 44.44 -26.42 5.03
CA LYS F 89 44.46 -27.43 6.07
C LYS F 89 43.65 -28.65 5.63
N PRO F 90 43.93 -29.82 6.21
CA PRO F 90 43.24 -31.04 5.78
C PRO F 90 41.73 -31.02 5.99
N GLU F 91 41.19 -29.99 6.63
CA GLU F 91 39.75 -29.86 6.79
C GLU F 91 39.07 -29.26 5.56
N ASP F 92 39.84 -28.82 4.57
CA ASP F 92 39.31 -28.22 3.36
C ASP F 92 39.14 -29.22 2.21
N THR F 93 39.36 -30.51 2.48
CA THR F 93 39.19 -31.54 1.46
C THR F 93 37.72 -31.67 1.11
N ALA F 94 37.33 -31.18 -0.06
CA ALA F 94 35.93 -31.18 -0.47
C ALA F 94 35.84 -30.98 -1.97
N VAL F 95 34.63 -31.14 -2.48
CA VAL F 95 34.32 -30.83 -3.88
C VAL F 95 33.75 -29.42 -3.92
N TYR F 96 34.39 -28.55 -4.70
CA TYR F 96 34.02 -27.15 -4.75
C TYR F 96 33.13 -26.88 -5.96
N TYR F 97 31.94 -26.35 -5.71
CA TYR F 97 30.99 -26.03 -6.76
C TYR F 97 30.91 -24.52 -6.95
N CYS F 98 30.58 -24.11 -8.17
CA CYS F 98 30.40 -22.71 -8.52
C CYS F 98 28.91 -22.46 -8.69
N ALA F 99 28.33 -21.70 -7.78
CA ALA F 99 26.89 -21.49 -7.73
C ALA F 99 26.54 -20.07 -8.16
N ARG F 100 25.40 -19.92 -8.83
CA ARG F 100 24.94 -18.65 -9.34
C ARG F 100 23.56 -18.36 -8.77
N CYS F 101 23.34 -17.12 -8.34
CA CYS F 101 22.06 -16.77 -7.74
C CYS F 101 20.95 -16.85 -8.77
N PRO F 102 19.73 -17.24 -8.36
CA PRO F 102 18.69 -17.59 -9.35
C PRO F 102 18.29 -16.45 -10.27
N ALA F 103 18.31 -15.21 -9.81
CA ALA F 103 17.75 -14.07 -10.52
C ALA F 103 18.75 -12.94 -10.63
N PRO F 104 18.60 -12.07 -11.63
CA PRO F 104 19.49 -10.91 -11.74
C PRO F 104 19.02 -9.74 -10.89
N PHE F 105 19.96 -8.85 -10.60
CA PHE F 105 19.70 -7.57 -9.92
C PHE F 105 19.08 -7.76 -8.54
N THR F 106 19.43 -8.85 -7.86
CA THR F 106 18.83 -9.16 -6.57
C THR F 106 19.92 -9.34 -5.52
N ARG F 107 19.55 -9.08 -4.26
CA ARG F 107 20.42 -9.35 -3.14
C ARG F 107 20.16 -10.71 -2.49
N ASP F 108 18.99 -11.30 -2.72
CA ASP F 108 18.67 -12.60 -2.18
C ASP F 108 19.35 -13.70 -3.00
N CYS F 109 19.50 -14.87 -2.38
CA CYS F 109 20.13 -16.01 -3.04
C CYS F 109 19.76 -17.32 -2.34
N PHE F 110 19.03 -18.20 -3.02
CA PHE F 110 18.62 -19.49 -2.46
C PHE F 110 19.29 -20.60 -3.26
N ASP F 111 20.54 -20.95 -2.92
CA ASP F 111 21.32 -21.77 -3.83
C ASP F 111 22.21 -22.84 -3.20
N VAL F 112 21.95 -23.23 -1.96
CA VAL F 112 22.81 -24.21 -1.29
C VAL F 112 22.13 -25.57 -1.30
N THR F 113 20.96 -25.66 -1.94
CA THR F 113 20.13 -26.85 -1.88
C THR F 113 20.81 -28.05 -2.54
N SER F 114 20.69 -29.22 -1.91
CA SER F 114 21.19 -30.45 -2.51
C SER F 114 20.16 -31.09 -3.43
N THR F 115 18.93 -30.55 -3.48
CA THR F 115 17.89 -31.08 -4.34
C THR F 115 18.10 -30.62 -5.78
N THR F 116 19.30 -30.87 -6.32
CA THR F 116 19.63 -30.58 -7.70
C THR F 116 19.35 -29.12 -8.05
N TYR F 117 20.10 -28.23 -7.38
CA TYR F 117 20.04 -26.81 -7.75
C TYR F 117 20.52 -26.65 -9.19
N ALA F 118 19.79 -25.85 -9.95
CA ALA F 118 19.97 -25.84 -11.41
C ALA F 118 21.24 -25.08 -11.81
N TYR F 119 21.37 -23.84 -11.39
CA TYR F 119 22.44 -22.97 -11.86
C TYR F 119 23.71 -23.14 -11.02
N ARG F 120 24.18 -24.37 -10.97
CA ARG F 120 25.39 -24.73 -10.24
C ARG F 120 26.28 -25.57 -11.14
N GLY F 121 27.60 -25.44 -10.93
CA GLY F 121 28.56 -26.12 -11.76
C GLY F 121 28.71 -27.59 -11.45
N GLN F 122 29.58 -28.25 -12.20
CA GLN F 122 29.80 -29.68 -12.01
C GLN F 122 30.61 -29.95 -10.76
N GLY F 123 31.65 -29.18 -10.52
CA GLY F 123 32.46 -29.31 -9.30
C GLY F 123 33.83 -29.87 -9.58
N THR F 124 34.84 -29.28 -8.94
CA THR F 124 36.22 -29.76 -8.98
C THR F 124 36.61 -30.25 -7.60
N GLN F 125 37.13 -31.47 -7.54
CA GLN F 125 37.45 -32.10 -6.26
C GLN F 125 38.82 -31.61 -5.79
N VAL F 126 38.84 -30.93 -4.64
CA VAL F 126 40.07 -30.43 -4.02
C VAL F 126 40.35 -31.30 -2.80
N THR F 127 41.45 -32.04 -2.84
CA THR F 127 41.82 -32.96 -1.78
C THR F 127 43.13 -32.52 -1.14
N VAL F 128 43.16 -32.49 0.19
CA VAL F 128 44.35 -32.11 0.95
C VAL F 128 44.72 -33.27 1.87
N SER F 129 45.97 -33.70 1.78
CA SER F 129 46.47 -34.78 2.62
C SER F 129 47.97 -34.62 2.81
N SER F 130 48.48 -35.24 3.87
CA SER F 130 49.90 -35.18 4.18
C SER F 130 50.64 -36.39 3.60
#